data_7C0L
#
_entry.id   7C0L
#
_cell.length_a   65.910
_cell.length_b   58.120
_cell.length_c   102.400
_cell.angle_alpha   90.000
_cell.angle_beta   93.040
_cell.angle_gamma   90.000
#
_symmetry.space_group_name_H-M   'P 1 21 1'
#
loop_
_entity.id
_entity.type
_entity.pdbx_description
1 polymer 'Sugar ABC transporter, periplasmic sugar-binding protein'
2 non-polymer 'CHLORIDE ION'
3 non-polymer 'SULFITE ION'
4 non-polymer 1,2-ETHANEDIOL
5 non-polymer GLYCEROL
6 non-polymer '[(1S,3R,3aR,6aS)-3-(2-azanyl-6-oxidanylidene-1H-purin-9-yl)-5,5-bis(oxidanyl)-1,3,3a,4,6,6a-hexahydrocyclopenta[c]furan-1-yl]methyl [(2R,3S,4R,5R)-5-[2,4-bis(oxidanylidene)pyrimidin-1-yl]-2-(hydroxymethyl)-4-oxidanyl-oxolan-3-yl] hydrogen phosphate'
7 non-polymer 'CARBON DIOXIDE'
8 non-polymer 'SULFUR DIOXIDE'
9 water water
#
_entity_poly.entity_id   1
_entity_poly.type   'polypeptide(L)'
_entity_poly.pdbx_seq_one_letter_code
;MMKPEDVIKEQCARAKVVAELWHGFTGGAPKAALENLVVEFNKAQQGRCVRPVPQGGYRDLSTKIKAAFAAGKVPTMAQA
FENNIALYLEAKALLPIESLGVKLQGVNLTFLNAVRFGGVVYGVPFNKSIQVLYYNKDLLKKHGVPVPATLEEFVAAAKK
LSRAEGGPVYWFQPDASTFAYFFFNLGGSYLKDGKLVLNSKEAVEALTLLQNGVKEGWAKPITSGYINQNLGSGPYAFSV
DTSAGYTYYLRAAKFDLGVATLPGRTKGQPGYGLVQGTNLVVFRQASKEEQAVAKDFLEFVLSPRAQAVFATATGYVPVT
EGALKDPVYQAYAAENPDYATIVRQSRYAKFEPALAEWEQIRFDILGQAIKEAILNKADPKAALDRAQKLAEDLLSSRTR
HHHHHH
;
_entity_poly.pdbx_strand_id   A,B
#
loop_
_chem_comp.id
_chem_comp.type
_chem_comp.name
_chem_comp.formula
CL non-polymer 'CHLORIDE ION' 'Cl -1'
CO2 non-polymer 'CARBON DIOXIDE' 'C O2'
EDO non-polymer 1,2-ETHANEDIOL 'C2 H6 O2'
FGO non-polymer '[(1S,3R,3aR,6aS)-3-(2-azanyl-6-oxidanylidene-1H-purin-9-yl)-5,5-bis(oxidanyl)-1,3,3a,4,6,6a-hexahydrocyclopenta[c]furan-1-yl]methyl [(2R,3S,4R,5R)-5-[2,4-bis(oxidanylidene)pyrimidin-1-yl]-2-(hydroxymethyl)-4-oxidanyl-oxolan-3-yl] hydrogen phosphate' 'C22 H28 N7 O13 P'
GOL non-polymer GLYCEROL 'C3 H8 O3'
SO2 non-polymer 'SULFUR DIOXIDE' 'O2 S'
SO3 non-polymer 'SULFITE ION' 'O3 S -2'
#
# COMPACT_ATOMS: atom_id res chain seq x y z
N LYS A 3 22.20 0.80 21.99
CA LYS A 3 21.03 0.26 21.14
C LYS A 3 21.56 -0.62 19.99
N PRO A 4 21.25 -1.94 19.96
CA PRO A 4 21.81 -2.83 18.96
C PRO A 4 21.51 -2.39 17.51
N GLU A 5 20.32 -1.83 17.21
CA GLU A 5 19.98 -1.41 15.81
C GLU A 5 20.91 -0.25 15.37
N ASP A 6 21.35 0.62 16.30
CA ASP A 6 22.35 1.69 16.01
C ASP A 6 23.72 1.06 15.76
N VAL A 7 24.15 0.09 16.59
CA VAL A 7 25.40 -0.68 16.34
C VAL A 7 25.37 -1.29 14.92
N ILE A 8 24.29 -1.98 14.56
CA ILE A 8 24.17 -2.67 13.23
C ILE A 8 24.27 -1.63 12.10
N LYS A 9 23.60 -0.49 12.26
CA LYS A 9 23.57 0.61 11.25
C LYS A 9 25.01 1.06 10.99
N GLU A 10 25.80 1.15 12.05
CA GLU A 10 27.23 1.56 11.95
C GLU A 10 28.07 0.42 11.33
N GLN A 11 27.86 -0.84 11.77
CA GLN A 11 28.49 -2.04 11.16
C GLN A 11 28.24 -2.04 9.64
N CYS A 12 26.99 -1.78 9.21
CA CYS A 12 26.57 -1.92 7.78
C CYS A 12 27.14 -0.77 6.94
N ALA A 13 27.38 0.38 7.56
CA ALA A 13 27.93 1.61 6.94
C ALA A 13 29.39 1.41 6.53
N ARG A 14 30.09 0.51 7.22
CA ARG A 14 31.52 0.18 7.01
C ARG A 14 31.64 -1.08 6.13
N ALA A 15 30.50 -1.64 5.68
CA ALA A 15 30.50 -2.96 5.03
C ALA A 15 30.51 -2.79 3.50
N LYS A 16 31.20 -3.70 2.81
CA LYS A 16 31.19 -3.79 1.33
C LYS A 16 29.94 -4.53 0.86
N VAL A 17 29.43 -5.48 1.62
CA VAL A 17 28.15 -6.17 1.23
C VAL A 17 27.21 -6.23 2.43
N VAL A 18 25.96 -5.84 2.18
CA VAL A 18 24.89 -5.85 3.20
C VAL A 18 23.79 -6.76 2.68
N ALA A 19 23.42 -7.80 3.44
CA ALA A 19 22.27 -8.70 3.14
C ALA A 19 21.10 -8.23 3.98
N GLU A 20 20.05 -7.69 3.35
CA GLU A 20 18.85 -7.27 4.14
C GLU A 20 18.04 -8.50 4.58
N LEU A 21 17.59 -8.50 5.84
CA LEU A 21 16.70 -9.56 6.42
C LEU A 21 15.41 -8.87 6.88
N TRP A 22 14.30 -9.02 6.16
CA TRP A 22 13.04 -8.33 6.53
C TRP A 22 12.36 -9.20 7.61
N HIS A 23 11.97 -8.61 8.70
CA HIS A 23 11.30 -9.36 9.80
C HIS A 23 10.04 -8.70 10.34
N GLY A 24 9.28 -9.45 11.18
CA GLY A 24 8.02 -8.97 11.78
C GLY A 24 8.06 -8.83 13.28
N PHE A 25 9.25 -8.56 13.85
CA PHE A 25 9.40 -8.33 15.31
C PHE A 25 9.23 -6.83 15.53
N THR A 26 8.19 -6.44 16.27
CA THR A 26 7.91 -5.00 16.56
C THR A 26 8.71 -4.56 17.79
N GLY A 27 9.11 -5.48 18.67
CA GLY A 27 9.97 -5.09 19.79
C GLY A 27 10.11 -6.23 20.81
N GLY A 28 10.22 -5.87 22.09
CA GLY A 28 10.48 -6.75 23.23
C GLY A 28 11.71 -7.65 23.04
N ALA A 29 11.73 -8.79 23.74
CA ALA A 29 12.86 -9.74 23.64
C ALA A 29 13.08 -10.28 22.23
N PRO A 30 12.08 -10.67 21.40
CA PRO A 30 12.38 -11.20 20.05
C PRO A 30 13.19 -10.21 19.21
N LYS A 31 12.81 -8.93 19.19
CA LYS A 31 13.53 -7.90 18.39
C LYS A 31 14.96 -7.71 18.94
N ALA A 32 15.10 -7.63 20.27
CA ALA A 32 16.43 -7.44 20.90
C ALA A 32 17.27 -8.70 20.63
N ALA A 33 16.71 -9.89 20.70
CA ALA A 33 17.52 -11.15 20.54
C ALA A 33 17.96 -11.30 19.09
N LEU A 34 17.10 -10.98 18.14
CA LEU A 34 17.45 -11.02 16.71
C LEU A 34 18.57 -10.00 16.45
N GLU A 35 18.42 -8.76 16.91
CA GLU A 35 19.49 -7.74 16.72
C GLU A 35 20.81 -8.18 17.38
N ASN A 36 20.74 -8.72 18.61
CA ASN A 36 21.97 -9.13 19.31
C ASN A 36 22.70 -10.24 18.54
N LEU A 37 21.98 -11.15 17.93
CA LEU A 37 22.53 -12.27 17.13
C LEU A 37 23.22 -11.63 15.93
N VAL A 38 22.57 -10.64 15.33
CA VAL A 38 23.09 -10.01 14.07
C VAL A 38 24.37 -9.23 14.41
N VAL A 39 24.38 -8.59 15.54
CA VAL A 39 25.55 -7.78 15.99
C VAL A 39 26.75 -8.71 16.06
N GLU A 40 26.60 -9.90 16.67
CA GLU A 40 27.69 -10.86 16.88
C GLU A 40 28.13 -11.45 15.54
N PHE A 41 27.18 -11.83 14.71
CA PHE A 41 27.47 -12.32 13.34
C PHE A 41 28.32 -11.27 12.62
N ASN A 42 27.84 -10.02 12.58
CA ASN A 42 28.49 -8.90 11.85
C ASN A 42 29.93 -8.69 12.40
N LYS A 43 30.16 -8.88 13.69
CA LYS A 43 31.50 -8.61 14.26
C LYS A 43 32.48 -9.69 13.79
N ALA A 44 31.99 -10.90 13.53
CA ALA A 44 32.85 -12.02 13.13
C ALA A 44 33.21 -11.87 11.65
N GLN A 45 32.52 -11.02 10.89
CA GLN A 45 32.75 -10.92 9.42
C GLN A 45 33.81 -9.84 9.19
N GLN A 46 34.39 -9.81 8.00
CA GLN A 46 35.30 -8.73 7.52
C GLN A 46 34.57 -7.99 6.39
N GLY A 47 33.92 -6.88 6.72
CA GLY A 47 33.25 -6.01 5.74
C GLY A 47 31.92 -6.56 5.21
N ARG A 48 31.31 -7.60 5.82
CA ARG A 48 30.03 -8.18 5.32
C ARG A 48 29.01 -8.18 6.45
N CYS A 49 27.77 -7.78 6.19
CA CYS A 49 26.78 -7.58 7.27
C CYS A 49 25.41 -8.06 6.85
N VAL A 50 24.63 -8.40 7.86
CA VAL A 50 23.16 -8.54 7.74
C VAL A 50 22.55 -7.27 8.30
N ARG A 51 21.62 -6.67 7.58
CA ARG A 51 20.82 -5.53 8.05
C ARG A 51 19.41 -6.04 8.31
N PRO A 52 18.99 -6.19 9.57
CA PRO A 52 17.60 -6.51 9.86
C PRO A 52 16.73 -5.28 9.60
N VAL A 53 15.58 -5.46 8.96
CA VAL A 53 14.67 -4.34 8.60
C VAL A 53 13.30 -4.68 9.16
N PRO A 54 12.86 -3.98 10.24
CA PRO A 54 11.54 -4.23 10.80
C PRO A 54 10.46 -3.76 9.81
N GLN A 55 9.48 -4.61 9.51
CA GLN A 55 8.48 -4.36 8.44
C GLN A 55 7.09 -4.20 9.08
N GLY A 56 7.01 -4.19 10.40
CA GLY A 56 5.83 -4.15 11.25
C GLY A 56 5.63 -5.52 11.83
N GLY A 57 4.41 -6.01 11.92
CA GLY A 57 4.15 -7.40 12.31
C GLY A 57 4.33 -8.32 11.13
N TYR A 58 3.92 -9.57 11.29
CA TYR A 58 4.03 -10.60 10.25
C TYR A 58 3.11 -10.29 9.06
N ARG A 59 1.88 -9.82 9.28
CA ARG A 59 0.95 -9.44 8.17
C ARG A 59 1.58 -8.26 7.39
N ASP A 60 2.11 -7.24 8.06
CA ASP A 60 2.77 -6.08 7.37
C ASP A 60 3.95 -6.60 6.54
N LEU A 61 4.75 -7.49 7.12
CA LEU A 61 5.88 -8.15 6.42
C LEU A 61 5.39 -8.81 5.15
N SER A 62 4.31 -9.59 5.21
CA SER A 62 3.93 -10.32 3.98
C SER A 62 3.45 -9.29 2.92
N THR A 63 2.75 -8.24 3.35
CA THR A 63 2.29 -7.16 2.44
C THR A 63 3.52 -6.48 1.82
N LYS A 64 4.53 -6.16 2.63
CA LYS A 64 5.76 -5.51 2.13
C LYS A 64 6.50 -6.45 1.15
N ILE A 65 6.50 -7.76 1.37
CA ILE A 65 7.15 -8.69 0.38
C ILE A 65 6.34 -8.72 -0.92
N LYS A 66 5.00 -8.70 -0.84
CA LYS A 66 4.12 -8.62 -2.03
C LYS A 66 4.45 -7.35 -2.83
N ALA A 67 4.50 -6.20 -2.18
CA ALA A 67 4.97 -4.93 -2.82
C ALA A 67 6.35 -5.13 -3.49
N ALA A 68 7.32 -5.71 -2.76
CA ALA A 68 8.70 -5.97 -3.28
C ALA A 68 8.69 -6.77 -4.61
N PHE A 69 7.87 -7.83 -4.69
CA PHE A 69 7.66 -8.62 -5.93
C PHE A 69 7.10 -7.73 -7.04
N ALA A 70 6.07 -6.96 -6.72
CA ALA A 70 5.51 -5.98 -7.70
C ALA A 70 6.58 -4.98 -8.13
N ALA A 71 7.44 -4.49 -7.23
CA ALA A 71 8.49 -3.48 -7.54
C ALA A 71 9.72 -4.13 -8.19
N GLY A 72 9.78 -5.46 -8.20
CA GLY A 72 10.95 -6.21 -8.71
C GLY A 72 12.20 -6.01 -7.85
N LYS A 73 12.09 -5.80 -6.52
CA LYS A 73 13.30 -5.70 -5.66
C LYS A 73 13.07 -6.28 -4.26
N VAL A 74 13.38 -7.56 -4.13
CA VAL A 74 13.25 -8.32 -2.86
C VAL A 74 14.47 -8.05 -1.99
N PRO A 75 14.37 -8.31 -0.69
CA PRO A 75 15.55 -8.36 0.19
C PRO A 75 16.35 -9.64 -0.13
N THR A 76 17.50 -9.85 0.51
CA THR A 76 18.28 -11.12 0.51
C THR A 76 17.52 -12.20 1.30
N MET A 77 17.11 -11.89 2.54
CA MET A 77 16.37 -12.87 3.39
C MET A 77 15.09 -12.22 3.94
N ALA A 78 14.09 -13.03 4.30
CA ALA A 78 12.90 -12.60 5.05
C ALA A 78 12.42 -13.75 5.94
N GLN A 79 11.75 -13.41 7.04
CA GLN A 79 10.97 -14.40 7.80
C GLN A 79 9.78 -14.79 6.95
N ALA A 80 9.35 -16.02 7.09
CA ALA A 80 8.24 -16.61 6.34
C ALA A 80 7.60 -17.75 7.11
N PHE A 81 6.30 -17.71 7.23
CA PHE A 81 5.47 -18.89 7.61
C PHE A 81 5.45 -19.84 6.43
N GLU A 82 5.15 -21.11 6.71
CA GLU A 82 5.14 -22.20 5.71
C GLU A 82 4.18 -21.84 4.56
N ASN A 83 3.05 -21.20 4.82
CA ASN A 83 2.07 -20.81 3.76
C ASN A 83 2.68 -19.69 2.89
N ASN A 84 3.45 -18.76 3.50
CA ASN A 84 4.16 -17.67 2.78
C ASN A 84 5.20 -18.39 1.87
N ILE A 85 5.91 -19.42 2.35
CA ILE A 85 6.87 -20.18 1.49
C ILE A 85 6.14 -20.73 0.24
N ALA A 86 4.99 -21.38 0.44
CA ALA A 86 4.17 -21.98 -0.64
C ALA A 86 3.87 -20.87 -1.65
N LEU A 87 3.45 -19.71 -1.18
CA LEU A 87 3.14 -18.57 -2.06
C LEU A 87 4.37 -18.17 -2.88
N TYR A 88 5.51 -17.98 -2.22
CA TYR A 88 6.72 -17.43 -2.89
C TYR A 88 7.26 -18.47 -3.87
N LEU A 89 6.99 -19.76 -3.63
CA LEU A 89 7.43 -20.82 -4.58
C LEU A 89 6.60 -20.81 -5.88
N GLU A 90 5.36 -20.28 -5.88
CA GLU A 90 4.52 -20.14 -7.11
C GLU A 90 5.25 -19.24 -8.13
N ALA A 91 5.98 -18.24 -7.62
CA ALA A 91 6.79 -17.28 -8.39
C ALA A 91 8.20 -17.86 -8.63
N LYS A 92 8.54 -19.01 -8.04
CA LYS A 92 9.92 -19.57 -7.97
C LYS A 92 10.86 -18.45 -7.51
N ALA A 93 10.51 -17.73 -6.43
CA ALA A 93 11.32 -16.60 -5.92
C ALA A 93 12.39 -17.09 -4.93
N LEU A 94 12.38 -18.38 -4.53
CA LEU A 94 13.23 -18.84 -3.38
C LEU A 94 14.35 -19.81 -3.77
N LEU A 95 15.54 -19.58 -3.21
CA LEU A 95 16.71 -20.46 -3.43
C LEU A 95 16.51 -21.71 -2.58
N PRO A 96 16.77 -22.90 -3.13
CA PRO A 96 16.87 -24.07 -2.27
C PRO A 96 18.02 -23.85 -1.25
N ILE A 97 17.76 -24.16 0.02
CA ILE A 97 18.70 -23.89 1.12
C ILE A 97 19.94 -24.78 0.94
N GLU A 98 19.78 -26.03 0.54
CA GLU A 98 20.95 -26.96 0.45
C GLU A 98 21.78 -26.58 -0.77
N SER A 99 21.25 -25.83 -1.74
CA SER A 99 22.08 -25.33 -2.88
C SER A 99 23.08 -24.30 -2.34
N LEU A 100 22.80 -23.63 -1.23
CA LEU A 100 23.80 -22.72 -0.60
C LEU A 100 24.87 -23.53 0.16
N GLY A 101 24.69 -24.82 0.39
CA GLY A 101 25.70 -25.61 1.10
C GLY A 101 25.48 -25.52 2.61
N VAL A 102 24.30 -25.07 3.06
CA VAL A 102 23.91 -25.06 4.50
C VAL A 102 23.53 -26.47 4.93
N LYS A 103 24.17 -26.99 5.98
CA LYS A 103 23.80 -28.33 6.50
C LYS A 103 22.62 -28.18 7.47
N LEU A 104 21.64 -29.08 7.36
CA LEU A 104 20.38 -29.07 8.13
C LEU A 104 20.25 -30.31 9.00
N GLN A 105 21.25 -31.21 8.95
CA GLN A 105 21.26 -32.41 9.82
C GLN A 105 21.17 -31.89 11.25
N GLY A 106 20.35 -32.51 12.07
CA GLY A 106 20.31 -32.11 13.48
C GLY A 106 19.19 -31.09 13.69
N VAL A 107 18.69 -30.46 12.62
CA VAL A 107 17.42 -29.68 12.73
C VAL A 107 16.24 -30.63 13.03
N ASN A 108 15.48 -30.32 14.07
CA ASN A 108 14.21 -31.03 14.39
C ASN A 108 13.34 -31.31 13.16
N LEU A 109 12.97 -32.57 12.92
CA LEU A 109 12.10 -32.96 11.75
C LEU A 109 10.69 -32.36 11.82
N THR A 110 10.16 -32.06 13.00
CA THR A 110 8.92 -31.25 13.14
C THR A 110 9.07 -29.98 12.33
N PHE A 111 10.21 -29.29 12.48
CA PHE A 111 10.38 -27.99 11.79
C PHE A 111 10.91 -28.20 10.39
N LEU A 112 11.90 -29.12 10.18
CA LEU A 112 12.50 -29.33 8.83
C LEU A 112 11.43 -29.82 7.85
N ASN A 113 10.58 -30.76 8.24
CA ASN A 113 9.52 -31.30 7.37
C ASN A 113 8.62 -30.15 6.88
N ALA A 114 8.34 -29.15 7.72
CA ALA A 114 7.39 -28.08 7.37
C ALA A 114 7.99 -27.17 6.30
N VAL A 115 9.32 -27.16 6.10
CA VAL A 115 9.95 -26.22 5.12
C VAL A 115 10.33 -27.01 3.86
N ARG A 116 9.92 -28.28 3.77
CA ARG A 116 10.26 -29.16 2.64
C ARG A 116 9.07 -29.15 1.70
N PHE A 117 9.27 -28.70 0.47
CA PHE A 117 8.23 -28.62 -0.61
C PHE A 117 8.78 -29.39 -1.81
N GLY A 118 7.99 -30.39 -2.21
CA GLY A 118 8.36 -31.26 -3.34
C GLY A 118 9.65 -31.96 -3.03
N GLY A 119 9.93 -32.30 -1.77
CA GLY A 119 11.17 -32.95 -1.36
C GLY A 119 12.33 -31.97 -1.14
N VAL A 120 12.15 -30.67 -1.41
CA VAL A 120 13.33 -29.76 -1.22
C VAL A 120 13.04 -28.68 -0.17
N VAL A 121 14.07 -28.39 0.61
CA VAL A 121 14.03 -27.44 1.76
C VAL A 121 14.19 -26.02 1.25
N TYR A 122 13.19 -25.19 1.44
CA TYR A 122 13.26 -23.77 0.99
C TYR A 122 13.27 -22.77 2.13
N GLY A 123 13.35 -23.24 3.37
CA GLY A 123 13.39 -22.38 4.56
C GLY A 123 14.36 -22.93 5.62
N VAL A 124 14.91 -22.05 6.47
CA VAL A 124 15.67 -22.44 7.66
C VAL A 124 14.79 -22.07 8.88
N PRO A 125 14.25 -23.09 9.58
CA PRO A 125 13.52 -22.80 10.82
C PRO A 125 14.40 -21.91 11.72
N PHE A 126 13.89 -20.80 12.18
CA PHE A 126 14.69 -19.83 12.95
C PHE A 126 14.03 -19.56 14.30
N ASN A 127 12.85 -18.96 14.28
CA ASN A 127 12.08 -18.56 15.50
C ASN A 127 10.76 -19.32 15.50
N LYS A 128 10.78 -20.58 15.92
CA LYS A 128 9.60 -21.48 15.87
C LYS A 128 9.04 -21.60 17.29
N SER A 129 7.78 -21.26 17.46
CA SER A 129 7.10 -21.23 18.79
C SER A 129 6.18 -22.42 18.87
N ILE A 130 5.77 -22.79 20.07
CA ILE A 130 4.68 -23.75 20.29
C ILE A 130 3.71 -23.13 21.31
N GLN A 131 2.42 -23.44 21.22
CA GLN A 131 1.51 -23.03 22.31
C GLN A 131 1.83 -23.80 23.61
N VAL A 132 1.66 -23.11 24.73
CA VAL A 132 1.80 -23.68 26.08
C VAL A 132 0.62 -23.18 26.90
N LEU A 133 0.43 -23.84 28.05
CA LEU A 133 -0.53 -23.35 29.02
C LEU A 133 0.16 -22.40 29.97
N TYR A 134 -0.15 -21.11 29.88
CA TYR A 134 0.30 -20.11 30.87
C TYR A 134 -0.68 -20.14 32.02
N TYR A 135 -0.21 -20.01 33.23
CA TYR A 135 -1.17 -19.95 34.35
C TYR A 135 -0.68 -19.11 35.52
N ASN A 136 -1.64 -18.85 36.41
CA ASN A 136 -1.42 -18.00 37.61
C ASN A 136 -1.22 -19.00 38.75
N LYS A 137 0.05 -19.25 39.06
CA LYS A 137 0.40 -20.20 40.15
C LYS A 137 -0.26 -19.78 41.47
N ASP A 138 -0.27 -18.48 41.79
CA ASP A 138 -0.81 -17.95 43.07
C ASP A 138 -2.30 -18.28 43.14
N LEU A 139 -3.01 -18.09 42.04
CA LEU A 139 -4.49 -18.21 42.07
C LEU A 139 -4.87 -19.69 42.20
N LEU A 140 -4.19 -20.58 41.50
CA LEU A 140 -4.42 -22.04 41.61
C LEU A 140 -4.09 -22.47 43.06
N LYS A 141 -2.94 -22.07 43.58
CA LYS A 141 -2.55 -22.37 44.99
C LYS A 141 -3.62 -21.86 45.95
N LYS A 142 -4.03 -20.61 45.82
CA LYS A 142 -5.09 -20.02 46.69
C LYS A 142 -6.27 -21.00 46.78
N HIS A 143 -6.77 -21.54 45.66
CA HIS A 143 -8.05 -22.35 45.66
C HIS A 143 -7.76 -23.87 45.63
N GLY A 144 -6.52 -24.26 45.82
CA GLY A 144 -6.08 -25.67 45.74
C GLY A 144 -6.46 -26.40 44.45
N VAL A 145 -6.31 -25.76 43.28
CA VAL A 145 -6.71 -26.35 41.97
C VAL A 145 -5.42 -26.83 41.31
N PRO A 146 -5.25 -28.15 41.02
CA PRO A 146 -4.06 -28.60 40.34
C PRO A 146 -4.03 -28.06 38.90
N VAL A 147 -2.85 -27.95 38.33
CA VAL A 147 -2.72 -27.63 36.91
C VAL A 147 -3.49 -28.68 36.10
N PRO A 148 -4.44 -28.30 35.19
CA PRO A 148 -5.24 -29.36 34.54
C PRO A 148 -4.37 -30.11 33.51
N ALA A 149 -4.40 -31.45 33.53
CA ALA A 149 -3.69 -32.33 32.59
C ALA A 149 -4.61 -32.68 31.40
N THR A 150 -5.94 -32.52 31.53
CA THR A 150 -6.89 -32.91 30.46
C THR A 150 -7.82 -31.74 30.14
N LEU A 151 -8.41 -31.78 28.94
CA LEU A 151 -9.40 -30.77 28.50
C LEU A 151 -10.57 -30.73 29.50
N GLU A 152 -10.98 -31.90 29.96
CA GLU A 152 -12.08 -32.03 30.94
C GLU A 152 -11.67 -31.34 32.23
N GLU A 153 -10.47 -31.64 32.71
CA GLU A 153 -9.93 -30.97 33.90
C GLU A 153 -9.82 -29.47 33.68
N PHE A 154 -9.45 -29.06 32.48
CA PHE A 154 -9.23 -27.62 32.21
C PHE A 154 -10.55 -26.85 32.36
N VAL A 155 -11.60 -27.34 31.76
CA VAL A 155 -12.96 -26.72 31.78
C VAL A 155 -13.49 -26.68 33.23
N ALA A 156 -13.30 -27.76 33.98
CA ALA A 156 -13.67 -27.86 35.41
C ALA A 156 -12.89 -26.79 36.22
N ALA A 157 -11.58 -26.71 35.98
CA ALA A 157 -10.69 -25.79 36.71
C ALA A 157 -11.15 -24.34 36.46
N ALA A 158 -11.35 -24.00 35.20
CA ALA A 158 -11.83 -22.66 34.78
C ALA A 158 -13.17 -22.34 35.48
N LYS A 159 -14.14 -23.26 35.48
CA LYS A 159 -15.46 -22.94 36.11
C LYS A 159 -15.27 -22.78 37.60
N LYS A 160 -14.48 -23.67 38.21
CA LYS A 160 -14.35 -23.63 39.69
C LYS A 160 -13.64 -22.31 40.05
N LEU A 161 -12.61 -21.93 39.29
CA LEU A 161 -11.85 -20.70 39.69
C LEU A 161 -12.69 -19.45 39.38
N SER A 162 -13.47 -19.47 38.30
CA SER A 162 -14.31 -18.33 37.84
C SER A 162 -15.37 -18.10 38.92
N ARG A 163 -15.97 -19.19 39.42
CA ARG A 163 -17.03 -19.13 40.46
C ARG A 163 -16.40 -18.52 41.71
N ALA A 164 -15.24 -19.01 42.13
CA ALA A 164 -14.58 -18.52 43.36
C ALA A 164 -14.14 -17.06 43.22
N GLU A 165 -13.69 -16.60 42.04
CA GLU A 165 -13.13 -15.25 41.85
C GLU A 165 -14.16 -14.25 41.32
N GLY A 166 -15.36 -14.68 40.93
CA GLY A 166 -16.43 -13.79 40.48
C GLY A 166 -16.15 -13.24 39.08
N GLY A 167 -15.32 -13.93 38.28
CA GLY A 167 -14.99 -13.44 36.93
C GLY A 167 -14.43 -14.57 36.06
N PRO A 168 -14.57 -14.50 34.73
CA PRO A 168 -13.96 -15.47 33.85
C PRO A 168 -12.42 -15.49 33.88
N VAL A 169 -11.86 -16.67 34.16
CA VAL A 169 -10.40 -16.77 34.43
C VAL A 169 -9.64 -17.39 33.28
N TYR A 170 -10.32 -18.05 32.33
CA TYR A 170 -9.66 -18.51 31.07
C TYR A 170 -9.76 -17.35 30.05
N TRP A 171 -8.62 -16.77 29.68
CA TRP A 171 -8.58 -15.56 28.81
C TRP A 171 -8.13 -16.03 27.42
N PHE A 172 -8.75 -15.55 26.37
CA PHE A 172 -8.36 -16.03 25.06
C PHE A 172 -8.60 -14.93 24.04
N GLN A 173 -7.78 -14.99 23.00
CA GLN A 173 -8.01 -14.15 21.80
C GLN A 173 -9.02 -14.90 20.91
N PRO A 174 -10.13 -14.29 20.47
CA PRO A 174 -11.05 -15.01 19.57
C PRO A 174 -10.45 -15.09 18.17
N ASP A 175 -9.50 -16.01 17.94
CA ASP A 175 -8.69 -16.01 16.69
C ASP A 175 -8.37 -17.45 16.24
N ALA A 176 -7.82 -17.58 15.02
CA ALA A 176 -7.50 -18.89 14.42
C ALA A 176 -6.52 -19.67 15.28
N SER A 177 -5.52 -18.99 15.86
CA SER A 177 -4.47 -19.63 16.67
C SER A 177 -5.14 -20.32 17.85
N THR A 178 -6.06 -19.62 18.54
CA THR A 178 -6.67 -20.17 19.77
C THR A 178 -7.62 -21.32 19.36
N PHE A 179 -8.39 -21.10 18.32
CA PHE A 179 -9.36 -22.11 17.85
C PHE A 179 -8.60 -23.41 17.51
N ALA A 180 -7.40 -23.34 16.92
CA ALA A 180 -6.59 -24.50 16.51
C ALA A 180 -6.29 -25.42 17.69
N TYR A 181 -5.95 -24.84 18.85
CA TYR A 181 -5.74 -25.70 20.06
C TYR A 181 -6.98 -26.58 20.31
N PHE A 182 -8.15 -25.98 20.40
CA PHE A 182 -9.40 -26.71 20.74
C PHE A 182 -9.79 -27.68 19.62
N PHE A 183 -9.70 -27.23 18.38
CA PHE A 183 -9.99 -27.99 17.15
C PHE A 183 -9.10 -29.24 17.06
N PHE A 184 -7.78 -29.07 17.15
CA PHE A 184 -6.81 -30.19 17.07
C PHE A 184 -7.12 -31.19 18.19
N ASN A 185 -7.31 -30.72 19.39
CA ASN A 185 -7.46 -31.64 20.56
C ASN A 185 -8.88 -32.20 20.71
N LEU A 186 -9.86 -31.81 19.90
CA LEU A 186 -11.16 -32.52 19.75
C LEU A 186 -11.14 -33.42 18.53
N GLY A 187 -9.96 -33.68 17.94
CA GLY A 187 -9.82 -34.68 16.86
C GLY A 187 -9.94 -34.04 15.48
N GLY A 188 -9.81 -32.72 15.38
CA GLY A 188 -10.11 -31.97 14.15
C GLY A 188 -8.95 -32.08 13.19
N SER A 189 -9.25 -31.97 11.92
CA SER A 189 -8.27 -32.03 10.82
C SER A 189 -8.71 -31.06 9.71
N TYR A 190 -7.85 -30.13 9.28
CA TYR A 190 -8.24 -29.08 8.32
C TYR A 190 -8.36 -29.67 6.90
N LEU A 191 -7.55 -30.69 6.53
CA LEU A 191 -7.55 -31.28 5.16
C LEU A 191 -8.25 -32.64 5.21
N LYS A 192 -9.33 -32.79 4.43
CA LYS A 192 -10.10 -34.03 4.26
C LYS A 192 -10.00 -34.46 2.80
N ASP A 193 -9.16 -35.46 2.53
CA ASP A 193 -8.87 -35.95 1.15
C ASP A 193 -8.43 -34.75 0.32
N GLY A 194 -7.47 -33.98 0.87
CA GLY A 194 -6.85 -32.80 0.26
C GLY A 194 -7.79 -31.61 0.10
N LYS A 195 -9.04 -31.66 0.57
CA LYS A 195 -9.92 -30.48 0.53
C LYS A 195 -9.83 -29.72 1.88
N LEU A 196 -9.69 -28.42 1.83
CA LEU A 196 -9.74 -27.59 3.08
C LEU A 196 -11.19 -27.57 3.61
N VAL A 197 -11.41 -28.01 4.85
CA VAL A 197 -12.73 -28.04 5.53
C VAL A 197 -12.65 -27.24 6.85
N LEU A 198 -13.42 -26.15 6.95
CA LEU A 198 -13.46 -25.27 8.14
C LEU A 198 -14.69 -25.56 8.98
N ASN A 199 -15.67 -26.31 8.48
CA ASN A 199 -16.98 -26.46 9.16
C ASN A 199 -17.27 -27.93 9.47
N SER A 200 -16.24 -28.71 9.77
CA SER A 200 -16.43 -30.09 10.24
C SER A 200 -17.03 -30.08 11.63
N LYS A 201 -17.50 -31.25 12.05
CA LYS A 201 -18.15 -31.34 13.35
C LYS A 201 -17.15 -30.97 14.44
N GLU A 202 -15.86 -31.24 14.29
CA GLU A 202 -14.85 -30.88 15.33
C GLU A 202 -14.63 -29.36 15.37
N ALA A 203 -14.80 -28.69 14.24
CA ALA A 203 -14.69 -27.22 14.15
C ALA A 203 -15.88 -26.62 14.91
N VAL A 204 -17.07 -27.12 14.63
CA VAL A 204 -18.30 -26.62 15.30
C VAL A 204 -18.17 -26.85 16.81
N GLU A 205 -17.65 -28.02 17.18
CA GLU A 205 -17.51 -28.37 18.62
C GLU A 205 -16.50 -27.42 19.29
N ALA A 206 -15.41 -27.10 18.60
CA ALA A 206 -14.31 -26.29 19.19
C ALA A 206 -14.87 -24.87 19.42
N LEU A 207 -15.54 -24.30 18.41
CA LEU A 207 -16.11 -22.92 18.47
C LEU A 207 -17.31 -22.83 19.43
N THR A 208 -18.12 -23.88 19.55
CA THR A 208 -19.21 -24.02 20.53
C THR A 208 -18.62 -24.01 21.93
N LEU A 209 -17.53 -24.74 22.17
CA LEU A 209 -16.94 -24.82 23.55
C LEU A 209 -16.49 -23.43 24.00
N LEU A 210 -15.84 -22.68 23.13
CA LEU A 210 -15.40 -21.31 23.49
C LEU A 210 -16.61 -20.42 23.71
N GLN A 211 -17.61 -20.48 22.84
CA GLN A 211 -18.79 -19.61 22.92
C GLN A 211 -19.58 -19.96 24.20
N ASN A 212 -19.75 -21.23 24.51
CA ASN A 212 -20.38 -21.70 25.78
C ASN A 212 -19.55 -21.20 26.98
N GLY A 213 -18.22 -21.32 26.92
CA GLY A 213 -17.31 -20.75 27.96
C GLY A 213 -17.61 -19.28 28.26
N VAL A 214 -17.81 -18.48 27.23
CA VAL A 214 -18.16 -17.04 27.38
C VAL A 214 -19.55 -16.94 28.06
N LYS A 215 -20.56 -17.66 27.55
CA LYS A 215 -21.94 -17.65 28.10
C LYS A 215 -21.92 -18.05 29.61
N GLU A 216 -21.19 -19.09 29.94
CA GLU A 216 -21.18 -19.72 31.30
C GLU A 216 -20.30 -18.91 32.28
N GLY A 217 -19.54 -17.91 31.78
CA GLY A 217 -18.78 -16.97 32.62
C GLY A 217 -17.43 -17.52 33.02
N TRP A 218 -16.85 -18.48 32.30
CA TRP A 218 -15.48 -18.96 32.63
C TRP A 218 -14.42 -18.60 31.59
N ALA A 219 -14.83 -18.15 30.38
CA ALA A 219 -13.94 -17.75 29.26
C ALA A 219 -14.11 -16.25 28.97
N LYS A 220 -13.02 -15.49 29.03
CA LYS A 220 -12.98 -14.02 28.85
C LYS A 220 -12.39 -13.70 27.48
N PRO A 221 -13.18 -13.18 26.50
CA PRO A 221 -12.60 -12.77 25.22
C PRO A 221 -11.76 -11.53 25.41
N ILE A 222 -10.57 -11.51 24.85
CA ILE A 222 -9.64 -10.35 24.86
C ILE A 222 -9.67 -9.71 23.47
N THR A 223 -10.24 -8.52 23.36
CA THR A 223 -10.57 -7.90 22.06
C THR A 223 -9.55 -6.81 21.71
N SER A 224 -8.75 -6.40 22.69
CA SER A 224 -7.86 -5.23 22.54
C SER A 224 -6.48 -5.54 23.14
N GLY A 225 -5.49 -5.69 22.25
CA GLY A 225 -4.11 -6.09 22.54
C GLY A 225 -3.96 -7.58 22.84
N TYR A 226 -2.75 -7.96 23.18
CA TYR A 226 -2.34 -9.34 23.53
C TYR A 226 -2.84 -9.66 24.93
N ILE A 227 -2.99 -10.96 25.21
CA ILE A 227 -3.47 -11.39 26.56
C ILE A 227 -2.56 -10.77 27.63
N ASN A 228 -1.24 -10.78 27.41
CA ASN A 228 -0.28 -10.27 28.42
C ASN A 228 -0.41 -8.75 28.60
N GLN A 229 -0.97 -8.03 27.64
CA GLN A 229 -1.23 -6.57 27.77
C GLN A 229 -2.50 -6.29 28.55
N ASN A 230 -3.30 -7.31 28.85
CA ASN A 230 -4.61 -7.13 29.50
C ASN A 230 -4.49 -7.58 30.97
N LEU A 231 -3.39 -8.22 31.31
CA LEU A 231 -3.24 -8.76 32.68
C LEU A 231 -3.39 -7.61 33.70
N GLY A 232 -4.07 -7.88 34.80
CA GLY A 232 -4.19 -6.92 35.91
C GLY A 232 -5.61 -6.38 36.03
N SER A 233 -6.41 -6.47 34.97
CA SER A 233 -7.87 -6.17 34.97
C SER A 233 -8.65 -7.46 35.19
N GLY A 234 -8.98 -7.83 36.41
CA GLY A 234 -9.87 -8.97 36.71
C GLY A 234 -9.06 -10.24 36.88
N PRO A 235 -9.64 -11.31 37.44
CA PRO A 235 -8.84 -12.47 37.80
C PRO A 235 -8.41 -13.22 36.54
N TYR A 236 -7.18 -13.71 36.57
CA TYR A 236 -6.61 -14.47 35.44
C TYR A 236 -6.07 -15.79 35.99
N ALA A 237 -6.46 -16.92 35.39
CA ALA A 237 -5.91 -18.23 35.79
C ALA A 237 -5.12 -18.85 34.66
N PHE A 238 -5.59 -18.76 33.42
CA PHE A 238 -5.06 -19.60 32.32
C PHE A 238 -5.15 -18.86 31.00
N SER A 239 -4.19 -19.09 30.13
CA SER A 239 -4.31 -18.83 28.68
C SER A 239 -3.55 -19.94 27.94
N VAL A 240 -3.95 -20.19 26.71
CA VAL A 240 -3.22 -21.01 25.73
C VAL A 240 -2.62 -20.02 24.72
N ASP A 241 -1.30 -19.93 24.67
CA ASP A 241 -0.65 -18.84 23.96
C ASP A 241 0.71 -19.30 23.46
N THR A 242 1.23 -18.62 22.48
CA THR A 242 2.60 -18.89 21.97
C THR A 242 3.64 -18.79 23.09
N SER A 243 4.58 -19.72 23.10
CA SER A 243 5.77 -19.71 23.97
C SER A 243 6.59 -18.44 23.75
N ALA A 244 6.49 -17.77 22.56
CA ALA A 244 7.27 -16.54 22.28
C ALA A 244 6.65 -15.40 23.10
N GLY A 245 5.49 -15.60 23.67
CA GLY A 245 4.87 -14.66 24.62
C GLY A 245 5.56 -14.64 25.99
N TYR A 246 6.50 -15.55 26.26
CA TYR A 246 6.99 -15.87 27.64
C TYR A 246 7.51 -14.61 28.34
N THR A 247 8.40 -13.82 27.69
CA THR A 247 9.05 -12.64 28.34
C THR A 247 8.00 -11.58 28.51
N TYR A 248 6.99 -11.54 27.65
CA TYR A 248 5.95 -10.49 27.73
C TYR A 248 5.03 -10.78 28.91
N TYR A 249 4.71 -12.06 29.12
CA TYR A 249 3.95 -12.46 30.32
C TYR A 249 4.77 -12.12 31.58
N LEU A 250 6.04 -12.48 31.58
CA LEU A 250 6.89 -12.29 32.77
C LEU A 250 6.96 -10.82 33.12
N ARG A 251 7.06 -9.92 32.14
CA ARG A 251 7.23 -8.49 32.47
C ARG A 251 5.88 -7.92 32.89
N ALA A 252 4.76 -8.47 32.44
CA ALA A 252 3.43 -7.89 32.74
C ALA A 252 2.87 -8.45 34.07
N ALA A 253 3.12 -9.71 34.39
CA ALA A 253 2.41 -10.49 35.44
C ALA A 253 2.76 -9.92 36.82
N LYS A 254 1.78 -9.54 37.61
CA LYS A 254 1.98 -9.10 39.01
C LYS A 254 2.01 -10.32 39.96
N PHE A 255 1.59 -11.48 39.47
CA PHE A 255 1.48 -12.80 40.12
C PHE A 255 2.64 -13.67 39.64
N ASP A 256 2.83 -14.80 40.33
CA ASP A 256 3.82 -15.85 39.99
C ASP A 256 3.38 -16.59 38.74
N LEU A 257 4.03 -16.37 37.61
CA LEU A 257 3.66 -16.99 36.33
C LEU A 257 4.09 -18.46 36.29
N GLY A 258 3.16 -19.32 35.87
CA GLY A 258 3.41 -20.74 35.60
C GLY A 258 3.41 -21.04 34.12
N VAL A 259 4.20 -22.02 33.68
CA VAL A 259 4.09 -22.63 32.32
C VAL A 259 3.88 -24.14 32.43
N ALA A 260 2.84 -24.65 31.74
CA ALA A 260 2.59 -26.10 31.73
C ALA A 260 2.55 -26.58 30.30
N THR A 261 2.67 -27.90 30.11
CA THR A 261 2.22 -28.56 28.87
C THR A 261 0.72 -28.38 28.69
N LEU A 262 0.25 -28.44 27.44
CA LEU A 262 -1.18 -28.25 27.12
C LEU A 262 -2.02 -29.40 27.64
N PRO A 263 -3.23 -29.13 28.11
CA PRO A 263 -4.17 -30.20 28.43
C PRO A 263 -4.52 -30.97 27.14
N GLY A 264 -4.53 -32.29 27.24
CA GLY A 264 -4.86 -33.22 26.15
C GLY A 264 -6.17 -33.93 26.42
N ARG A 265 -6.60 -34.77 25.49
CA ARG A 265 -7.86 -35.55 25.65
C ARG A 265 -7.72 -36.43 26.87
N THR A 266 -6.58 -37.10 27.01
CA THR A 266 -6.31 -37.96 28.21
C THR A 266 -5.00 -37.58 28.87
N LYS A 267 -4.72 -38.14 30.05
CA LYS A 267 -3.40 -37.99 30.69
C LYS A 267 -2.32 -38.80 29.94
N GLY A 268 -2.61 -39.60 28.91
CA GLY A 268 -1.53 -40.42 28.29
C GLY A 268 -0.65 -39.56 27.43
N GLN A 269 -1.06 -38.33 27.13
CA GLN A 269 -0.30 -37.42 26.23
C GLN A 269 -0.73 -35.96 26.42
N PRO A 270 0.19 -34.99 26.37
CA PRO A 270 -0.19 -33.59 26.34
C PRO A 270 -1.03 -33.28 25.08
N GLY A 271 -1.86 -32.25 25.12
CA GLY A 271 -2.53 -31.82 23.88
C GLY A 271 -1.51 -31.36 22.85
N TYR A 272 -1.90 -31.34 21.60
CA TYR A 272 -1.11 -30.69 20.52
C TYR A 272 -1.19 -29.19 20.65
N GLY A 273 -0.06 -28.53 20.45
CA GLY A 273 0.04 -27.06 20.34
C GLY A 273 0.22 -26.73 18.87
N LEU A 274 -0.22 -25.54 18.54
CA LEU A 274 0.01 -24.93 17.21
C LEU A 274 1.46 -24.42 17.15
N VAL A 275 2.21 -24.81 16.12
CA VAL A 275 3.56 -24.23 15.86
C VAL A 275 3.33 -22.92 15.13
N GLN A 276 3.91 -21.85 15.65
CA GLN A 276 3.90 -20.52 14.98
C GLN A 276 5.35 -20.01 14.92
N GLY A 277 5.54 -18.72 14.68
CA GLY A 277 6.86 -18.16 14.38
C GLY A 277 7.26 -18.58 12.97
N THR A 278 8.48 -18.25 12.56
CA THR A 278 8.90 -18.17 11.16
C THR A 278 10.23 -18.87 10.84
N ASN A 279 10.41 -19.12 9.55
CA ASN A 279 11.59 -19.70 8.91
C ASN A 279 12.26 -18.53 8.19
N LEU A 280 13.55 -18.64 7.90
CA LEU A 280 14.23 -17.67 7.02
C LEU A 280 14.34 -18.23 5.64
N VAL A 281 14.00 -17.40 4.65
CA VAL A 281 14.08 -17.80 3.24
C VAL A 281 15.08 -16.88 2.59
N VAL A 282 15.65 -17.35 1.50
CA VAL A 282 16.69 -16.61 0.72
C VAL A 282 16.11 -16.43 -0.69
N PHE A 283 16.08 -15.19 -1.17
CA PHE A 283 15.45 -14.86 -2.47
C PHE A 283 16.45 -15.09 -3.60
N ARG A 284 16.01 -15.78 -4.64
CA ARG A 284 16.82 -16.02 -5.87
C ARG A 284 17.41 -14.72 -6.43
N GLN A 285 16.70 -13.62 -6.32
CA GLN A 285 17.09 -12.34 -6.97
C GLN A 285 18.36 -11.75 -6.32
N ALA A 286 18.67 -12.11 -5.08
CA ALA A 286 19.88 -11.58 -4.37
C ALA A 286 21.18 -11.86 -5.17
N SER A 287 22.17 -10.97 -5.06
CA SER A 287 23.52 -11.14 -5.66
C SER A 287 24.21 -12.36 -5.05
N LYS A 288 25.10 -13.00 -5.82
CA LYS A 288 25.94 -14.13 -5.32
C LYS A 288 26.68 -13.69 -4.05
N GLU A 289 27.17 -12.46 -3.97
CA GLU A 289 27.84 -11.94 -2.75
C GLU A 289 26.83 -11.88 -1.58
N GLU A 290 25.61 -11.37 -1.80
CA GLU A 290 24.57 -11.33 -0.73
C GLU A 290 24.18 -12.76 -0.35
N GLN A 291 24.03 -13.65 -1.33
CA GLN A 291 23.68 -15.07 -1.07
C GLN A 291 24.76 -15.71 -0.18
N ALA A 292 26.04 -15.37 -0.40
CA ALA A 292 27.17 -15.95 0.37
C ALA A 292 27.08 -15.47 1.82
N VAL A 293 26.64 -14.21 2.03
CA VAL A 293 26.40 -13.67 3.40
C VAL A 293 25.23 -14.43 4.03
N ALA A 294 24.13 -14.64 3.28
CA ALA A 294 22.96 -15.44 3.75
C ALA A 294 23.46 -16.84 4.20
N LYS A 295 24.31 -17.49 3.39
CA LYS A 295 24.83 -18.84 3.72
C LYS A 295 25.45 -18.80 5.11
N ASP A 296 26.36 -17.87 5.35
CA ASP A 296 27.11 -17.84 6.62
C ASP A 296 26.13 -17.50 7.74
N PHE A 297 25.22 -16.56 7.50
CA PHE A 297 24.28 -16.16 8.54
C PHE A 297 23.42 -17.34 8.97
N LEU A 298 22.94 -18.11 7.99
CA LEU A 298 22.09 -19.29 8.29
C LEU A 298 22.87 -20.33 9.10
N GLU A 299 24.11 -20.63 8.69
CA GLU A 299 25.02 -21.53 9.46
C GLU A 299 25.14 -21.01 10.89
N PHE A 300 25.28 -19.69 11.04
CA PHE A 300 25.43 -19.08 12.37
C PHE A 300 24.14 -19.27 13.20
N VAL A 301 22.97 -18.95 12.62
CA VAL A 301 21.62 -19.06 13.26
C VAL A 301 21.35 -20.51 13.65
N LEU A 302 21.92 -21.49 12.92
CA LEU A 302 21.69 -22.93 13.25
C LEU A 302 22.74 -23.45 14.28
N SER A 303 23.73 -22.63 14.63
CA SER A 303 24.80 -23.09 15.57
C SER A 303 24.17 -23.28 16.93
N PRO A 304 24.71 -24.19 17.76
CA PRO A 304 24.12 -24.44 19.05
C PRO A 304 24.09 -23.23 19.98
N ARG A 305 25.16 -22.40 20.00
CA ARG A 305 25.18 -21.19 20.84
C ARG A 305 24.11 -20.19 20.41
N ALA A 306 24.04 -19.85 19.12
CA ALA A 306 23.05 -18.92 18.58
C ALA A 306 21.64 -19.40 18.96
N GLN A 307 21.32 -20.65 18.75
CA GLN A 307 19.98 -21.16 19.08
C GLN A 307 19.79 -21.13 20.61
N ALA A 308 20.82 -21.52 21.37
CA ALA A 308 20.65 -21.55 22.84
C ALA A 308 20.33 -20.15 23.39
N VAL A 309 21.05 -19.13 22.92
CA VAL A 309 20.90 -17.71 23.37
C VAL A 309 19.54 -17.19 22.92
N PHE A 310 19.21 -17.39 21.65
CA PHE A 310 17.96 -16.89 21.06
C PHE A 310 16.78 -17.49 21.82
N ALA A 311 16.80 -18.80 22.05
CA ALA A 311 15.68 -19.54 22.65
C ALA A 311 15.53 -19.19 24.14
N THR A 312 16.63 -19.02 24.85
CA THR A 312 16.60 -18.65 26.28
C THR A 312 16.15 -17.19 26.44
N ALA A 313 16.47 -16.33 25.50
CA ALA A 313 16.09 -14.89 25.56
C ALA A 313 14.58 -14.72 25.27
N THR A 314 13.89 -15.68 24.71
CA THR A 314 12.59 -15.40 24.08
C THR A 314 11.45 -16.34 24.51
N GLY A 315 11.73 -17.63 24.69
CA GLY A 315 10.74 -18.71 24.77
C GLY A 315 10.44 -19.38 23.45
N TYR A 316 11.09 -18.98 22.37
CA TYR A 316 11.04 -19.79 21.13
C TYR A 316 11.69 -21.15 21.39
N VAL A 317 11.36 -22.12 20.55
CA VAL A 317 11.81 -23.53 20.68
C VAL A 317 13.15 -23.64 19.97
N PRO A 318 14.21 -24.06 20.65
CA PRO A 318 15.50 -24.29 19.96
C PRO A 318 15.28 -25.30 18.81
N VAL A 319 15.74 -25.02 17.56
CA VAL A 319 15.33 -25.80 16.37
C VAL A 319 16.27 -26.98 16.15
N THR A 320 17.36 -27.09 16.93
CA THR A 320 18.33 -28.19 16.73
C THR A 320 18.48 -29.05 17.98
N GLU A 321 18.87 -30.28 17.76
CA GLU A 321 19.37 -31.19 18.83
C GLU A 321 20.59 -30.53 19.53
N GLY A 322 21.54 -29.97 18.76
CA GLY A 322 22.79 -29.45 19.39
C GLY A 322 22.49 -28.30 20.37
N ALA A 323 21.43 -27.52 20.15
CA ALA A 323 21.14 -26.37 21.03
C ALA A 323 20.91 -26.86 22.47
N LEU A 324 20.29 -28.01 22.63
CA LEU A 324 19.88 -28.54 23.94
C LEU A 324 21.15 -29.00 24.67
N LYS A 325 22.21 -29.30 23.92
CA LYS A 325 23.45 -29.80 24.55
C LYS A 325 24.39 -28.62 24.85
N ASP A 326 24.02 -27.39 24.49
CA ASP A 326 24.94 -26.24 24.64
C ASP A 326 24.93 -25.84 26.10
N PRO A 327 26.09 -25.55 26.75
CA PRO A 327 26.14 -25.19 28.17
C PRO A 327 25.32 -23.98 28.55
N VAL A 328 25.17 -23.01 27.63
CA VAL A 328 24.36 -21.81 27.94
C VAL A 328 22.90 -22.23 28.06
N TYR A 329 22.41 -23.04 27.13
CA TYR A 329 21.05 -23.57 27.23
C TYR A 329 20.91 -24.32 28.57
N GLN A 330 21.86 -25.21 28.83
CA GLN A 330 21.79 -26.13 30.03
C GLN A 330 21.78 -25.32 31.34
N ALA A 331 22.55 -24.25 31.42
CA ALA A 331 22.64 -23.34 32.59
C ALA A 331 21.30 -22.63 32.80
N TYR A 332 20.67 -22.12 31.71
CA TYR A 332 19.30 -21.54 31.82
C TYR A 332 18.29 -22.62 32.25
N ALA A 333 18.32 -23.80 31.64
CA ALA A 333 17.28 -24.84 31.88
C ALA A 333 17.36 -25.29 33.35
N ALA A 334 18.59 -25.37 33.90
CA ALA A 334 18.87 -25.84 35.27
C ALA A 334 18.26 -24.84 36.27
N GLU A 335 18.14 -23.57 35.90
CA GLU A 335 17.68 -22.50 36.82
C GLU A 335 16.18 -22.27 36.60
N ASN A 336 15.63 -22.70 35.47
CA ASN A 336 14.26 -22.31 35.10
C ASN A 336 13.59 -23.46 34.37
N PRO A 337 12.71 -24.25 35.03
CA PRO A 337 12.10 -25.43 34.41
C PRO A 337 11.21 -25.12 33.18
N ASP A 338 10.87 -23.87 32.97
CA ASP A 338 9.95 -23.44 31.89
C ASP A 338 10.58 -23.75 30.55
N TYR A 339 11.91 -23.74 30.43
CA TYR A 339 12.55 -24.00 29.10
C TYR A 339 12.33 -25.44 28.72
N ALA A 340 12.53 -26.37 29.66
CA ALA A 340 12.24 -27.82 29.43
C ALA A 340 10.73 -28.03 29.15
N THR A 341 9.86 -27.27 29.82
CA THR A 341 8.38 -27.39 29.55
C THR A 341 8.12 -27.00 28.09
N ILE A 342 8.69 -25.90 27.63
CA ILE A 342 8.54 -25.51 26.20
C ILE A 342 9.04 -26.62 25.27
N VAL A 343 10.22 -27.18 25.54
CA VAL A 343 10.78 -28.27 24.67
C VAL A 343 9.88 -29.50 24.68
N ARG A 344 9.43 -29.92 25.86
CA ARG A 344 8.52 -31.08 25.95
C ARG A 344 7.29 -30.82 25.11
N GLN A 345 6.73 -29.61 25.23
CA GLN A 345 5.44 -29.35 24.55
C GLN A 345 5.73 -29.31 23.06
N SER A 346 6.95 -28.88 22.66
CA SER A 346 7.28 -28.83 21.20
C SER A 346 7.30 -30.25 20.59
N ARG A 347 7.30 -31.31 21.39
CA ARG A 347 7.21 -32.70 20.86
C ARG A 347 5.80 -32.99 20.31
N TYR A 348 4.74 -32.25 20.70
CA TYR A 348 3.31 -32.48 20.45
C TYR A 348 2.80 -31.26 19.68
N ALA A 349 3.09 -31.25 18.36
CA ALA A 349 3.14 -30.03 17.53
C ALA A 349 2.37 -30.25 16.22
N LYS A 350 1.41 -29.36 15.95
CA LYS A 350 0.61 -29.40 14.70
C LYS A 350 0.81 -28.08 13.97
N PHE A 351 0.76 -28.18 12.66
CA PHE A 351 0.78 -27.03 11.75
C PHE A 351 -0.59 -26.87 11.12
N GLU A 352 -0.93 -25.62 10.88
CA GLU A 352 -2.00 -25.27 9.92
C GLU A 352 -1.59 -25.60 8.49
N PRO A 353 -2.56 -25.71 7.55
CA PRO A 353 -2.26 -26.04 6.17
C PRO A 353 -1.27 -25.03 5.55
N ALA A 354 -0.33 -25.49 4.76
CA ALA A 354 0.66 -24.66 4.05
C ALA A 354 0.13 -24.30 2.65
N LEU A 355 -1.10 -23.83 2.59
CA LEU A 355 -1.69 -23.35 1.30
C LEU A 355 -1.26 -21.90 1.10
N ALA A 356 -1.04 -21.51 -0.17
CA ALA A 356 -0.65 -20.13 -0.53
C ALA A 356 -1.66 -19.08 -0.01
N GLU A 357 -2.94 -19.41 0.11
CA GLU A 357 -4.03 -18.45 0.43
C GLU A 357 -4.26 -18.48 1.95
N TRP A 358 -3.53 -19.31 2.68
CA TRP A 358 -3.84 -19.58 4.11
C TRP A 358 -3.80 -18.29 4.93
N GLU A 359 -2.93 -17.33 4.60
CA GLU A 359 -2.83 -16.12 5.44
CA GLU A 359 -2.82 -16.10 5.43
C GLU A 359 -4.15 -15.36 5.38
N GLN A 360 -4.66 -15.13 4.17
CA GLN A 360 -5.95 -14.47 3.97
C GLN A 360 -7.04 -15.28 4.67
N ILE A 361 -7.03 -16.61 4.51
CA ILE A 361 -8.11 -17.47 5.07
C ILE A 361 -8.07 -17.36 6.60
N ARG A 362 -6.91 -17.54 7.24
CA ARG A 362 -6.86 -17.69 8.73
C ARG A 362 -7.32 -16.37 9.40
N PHE A 363 -6.99 -15.19 8.85
CA PHE A 363 -7.39 -13.89 9.44
C PHE A 363 -8.74 -13.43 8.92
N ASP A 364 -8.90 -13.29 7.61
CA ASP A 364 -10.06 -12.62 6.99
C ASP A 364 -11.27 -13.54 6.98
N ILE A 365 -11.13 -14.86 7.01
CA ILE A 365 -12.31 -15.75 6.79
C ILE A 365 -12.58 -16.57 8.09
N LEU A 366 -11.60 -17.36 8.47
CA LEU A 366 -11.71 -18.18 9.70
C LEU A 366 -11.72 -17.31 10.96
N GLY A 367 -10.80 -16.37 11.14
CA GLY A 367 -10.73 -15.46 12.31
C GLY A 367 -12.00 -14.62 12.41
N GLN A 368 -12.52 -14.14 11.26
CA GLN A 368 -13.79 -13.38 11.25
C GLN A 368 -14.94 -14.25 11.76
N ALA A 369 -15.03 -15.51 11.38
CA ALA A 369 -16.12 -16.41 11.80
C ALA A 369 -16.01 -16.65 13.32
N ILE A 370 -14.80 -16.85 13.82
CA ILE A 370 -14.59 -17.03 15.27
C ILE A 370 -15.10 -15.74 15.97
N LYS A 371 -14.71 -14.58 15.46
CA LYS A 371 -15.12 -13.29 16.08
C LYS A 371 -16.64 -13.11 16.03
N GLU A 372 -17.28 -13.47 14.91
CA GLU A 372 -18.77 -13.41 14.74
CA GLU A 372 -18.77 -13.40 14.76
C GLU A 372 -19.39 -14.24 15.88
N ALA A 373 -18.92 -15.45 16.07
CA ALA A 373 -19.52 -16.38 17.06
C ALA A 373 -19.21 -15.92 18.48
N ILE A 374 -17.97 -15.50 18.75
CA ILE A 374 -17.60 -15.11 20.16
C ILE A 374 -18.15 -13.74 20.54
N LEU A 375 -17.96 -12.73 19.68
CA LEU A 375 -18.29 -11.33 20.03
C LEU A 375 -19.75 -11.02 19.63
N ASN A 376 -20.30 -11.58 18.57
CA ASN A 376 -21.68 -11.25 18.12
C ASN A 376 -22.65 -12.42 18.38
N LYS A 377 -22.24 -13.49 19.07
CA LYS A 377 -23.11 -14.67 19.38
C LYS A 377 -23.69 -15.28 18.08
N ALA A 378 -23.00 -15.15 16.93
CA ALA A 378 -23.41 -15.90 15.71
C ALA A 378 -23.42 -17.39 16.09
N ASP A 379 -24.38 -18.15 15.52
CA ASP A 379 -24.39 -19.63 15.68
C ASP A 379 -23.06 -20.20 15.16
N PRO A 380 -22.35 -21.02 15.97
CA PRO A 380 -21.07 -21.56 15.51
C PRO A 380 -21.13 -22.27 14.18
N LYS A 381 -22.12 -23.12 13.92
CA LYS A 381 -22.15 -23.81 12.62
C LYS A 381 -22.39 -22.79 11.48
N ALA A 382 -23.34 -21.85 11.65
CA ALA A 382 -23.68 -20.84 10.62
C ALA A 382 -22.44 -19.97 10.34
N ALA A 383 -21.72 -19.56 11.38
CA ALA A 383 -20.47 -18.77 11.18
C ALA A 383 -19.43 -19.61 10.41
N LEU A 384 -19.28 -20.91 10.69
CA LEU A 384 -18.25 -21.77 10.04
C LEU A 384 -18.69 -22.21 8.65
N ASP A 385 -20.00 -22.34 8.41
CA ASP A 385 -20.55 -22.64 7.05
C ASP A 385 -20.25 -21.48 6.10
N ARG A 386 -20.41 -20.27 6.58
CA ARG A 386 -20.07 -19.05 5.80
C ARG A 386 -18.54 -19.02 5.51
N ALA A 387 -17.71 -19.23 6.53
CA ALA A 387 -16.23 -19.39 6.40
C ALA A 387 -15.94 -20.41 5.33
N GLN A 388 -16.62 -21.55 5.34
CA GLN A 388 -16.36 -22.64 4.36
C GLN A 388 -16.67 -22.16 2.93
N LYS A 389 -17.80 -21.49 2.77
CA LYS A 389 -18.24 -20.96 1.45
C LYS A 389 -17.25 -19.91 0.95
N LEU A 390 -16.84 -18.96 1.81
CA LEU A 390 -15.85 -17.88 1.45
C LEU A 390 -14.48 -18.51 1.11
N ALA A 391 -14.02 -19.48 1.89
CA ALA A 391 -12.77 -20.21 1.57
C ALA A 391 -12.91 -21.00 0.25
N GLU A 392 -14.05 -21.66 -0.01
CA GLU A 392 -14.25 -22.49 -1.23
C GLU A 392 -14.27 -21.58 -2.46
N ASP A 393 -14.88 -20.41 -2.35
CA ASP A 393 -14.84 -19.36 -3.39
C ASP A 393 -13.40 -18.88 -3.62
N LEU A 394 -12.58 -18.71 -2.57
CA LEU A 394 -11.20 -18.17 -2.74
C LEU A 394 -10.31 -19.25 -3.40
N LEU A 395 -10.41 -20.50 -2.98
CA LEU A 395 -9.59 -21.57 -3.58
C LEU A 395 -10.17 -21.92 -4.94
N LYS B 3 -27.62 5.82 -20.87
CA LYS B 3 -26.73 6.68 -20.01
C LYS B 3 -25.84 5.80 -19.12
N PRO B 4 -24.49 5.90 -19.25
CA PRO B 4 -23.60 4.97 -18.54
C PRO B 4 -23.77 5.05 -17.02
N GLU B 5 -24.04 6.23 -16.45
CA GLU B 5 -24.18 6.38 -14.95
C GLU B 5 -25.42 5.61 -14.47
N ASP B 6 -26.49 5.50 -15.29
CA ASP B 6 -27.70 4.68 -14.98
C ASP B 6 -27.33 3.19 -15.05
N VAL B 7 -26.61 2.77 -16.08
CA VAL B 7 -26.09 1.38 -16.18
C VAL B 7 -25.28 1.03 -14.92
N ILE B 8 -24.34 1.88 -14.52
CA ILE B 8 -23.45 1.59 -13.34
C ILE B 8 -24.31 1.46 -12.07
N LYS B 9 -25.30 2.33 -11.92
CA LYS B 9 -26.20 2.35 -10.73
C LYS B 9 -26.86 0.97 -10.60
N GLU B 10 -27.27 0.42 -11.73
CA GLU B 10 -27.96 -0.90 -11.81
C GLU B 10 -26.92 -2.02 -11.57
N GLN B 11 -25.74 -1.93 -12.19
CA GLN B 11 -24.61 -2.88 -11.94
C GLN B 11 -24.31 -2.97 -10.44
N CYS B 12 -24.23 -1.82 -9.75
CA CYS B 12 -23.81 -1.70 -8.33
C CYS B 12 -24.91 -2.26 -7.40
N ALA B 13 -26.18 -2.17 -7.81
CA ALA B 13 -27.37 -2.62 -7.03
C ALA B 13 -27.44 -4.14 -7.00
N ARG B 14 -26.81 -4.81 -7.96
CA ARG B 14 -26.69 -6.27 -8.05
C ARG B 14 -25.40 -6.78 -7.40
N ALA B 15 -24.55 -5.90 -6.84
CA ALA B 15 -23.18 -6.23 -6.42
C ALA B 15 -23.12 -6.43 -4.90
N LYS B 16 -22.24 -7.30 -4.42
CA LYS B 16 -22.00 -7.56 -2.97
C LYS B 16 -20.92 -6.60 -2.45
N VAL B 17 -19.98 -6.17 -3.29
CA VAL B 17 -19.01 -5.11 -2.89
C VAL B 17 -18.97 -3.99 -3.96
N VAL B 18 -19.07 -2.76 -3.50
CA VAL B 18 -19.02 -1.55 -4.38
C VAL B 18 -17.83 -0.69 -3.89
N ALA B 19 -16.89 -0.37 -4.76
CA ALA B 19 -15.73 0.52 -4.46
C ALA B 19 -16.02 1.91 -5.03
N GLU B 20 -16.26 2.90 -4.16
CA GLU B 20 -16.57 4.27 -4.64
C GLU B 20 -15.26 4.92 -5.16
N LEU B 21 -15.34 5.60 -6.32
CA LEU B 21 -14.24 6.39 -6.96
C LEU B 21 -14.72 7.84 -7.05
N TRP B 22 -14.23 8.76 -6.21
CA TRP B 22 -14.68 10.17 -6.24
C TRP B 22 -13.88 10.88 -7.32
N HIS B 23 -14.56 11.58 -8.22
CA HIS B 23 -13.89 12.31 -9.32
C HIS B 23 -14.37 13.74 -9.52
N GLY B 24 -13.62 14.49 -10.34
CA GLY B 24 -13.79 15.92 -10.63
C GLY B 24 -14.21 16.21 -12.05
N PHE B 25 -14.79 15.22 -12.76
CA PHE B 25 -15.20 15.36 -14.18
C PHE B 25 -16.65 15.81 -14.14
N THR B 26 -16.95 17.02 -14.66
CA THR B 26 -18.31 17.58 -14.59
C THR B 26 -19.12 17.14 -15.80
N GLY B 27 -18.48 16.71 -16.87
CA GLY B 27 -19.19 16.19 -18.03
C GLY B 27 -18.30 16.06 -19.22
N GLY B 28 -18.88 16.26 -20.43
CA GLY B 28 -18.26 16.04 -21.74
C GLY B 28 -17.56 14.66 -21.86
N ALA B 29 -16.59 14.56 -22.79
CA ALA B 29 -15.89 13.28 -23.07
C ALA B 29 -15.19 12.70 -21.84
N PRO B 30 -14.51 13.47 -20.94
CA PRO B 30 -13.86 12.88 -19.77
C PRO B 30 -14.85 12.10 -18.90
N LYS B 31 -16.00 12.69 -18.57
CA LYS B 31 -17.00 11.98 -17.72
C LYS B 31 -17.55 10.73 -18.45
N ALA B 32 -17.85 10.83 -19.74
CA ALA B 32 -18.38 9.72 -20.52
C ALA B 32 -17.32 8.60 -20.60
N ALA B 33 -16.05 8.95 -20.80
CA ALA B 33 -14.98 7.95 -21.02
C ALA B 33 -14.72 7.22 -19.68
N LEU B 34 -14.69 7.96 -18.59
CA LEU B 34 -14.51 7.36 -17.26
C LEU B 34 -15.67 6.38 -17.00
N GLU B 35 -16.91 6.81 -17.18
CA GLU B 35 -18.09 5.93 -16.93
C GLU B 35 -18.06 4.70 -17.87
N ASN B 36 -17.73 4.89 -19.15
CA ASN B 36 -17.71 3.76 -20.10
C ASN B 36 -16.66 2.72 -19.66
N LEU B 37 -15.55 3.15 -19.12
CA LEU B 37 -14.44 2.29 -18.66
C LEU B 37 -15.00 1.51 -17.48
N VAL B 38 -15.74 2.19 -16.61
CA VAL B 38 -16.26 1.56 -15.36
C VAL B 38 -17.32 0.51 -15.77
N VAL B 39 -18.18 0.87 -16.72
CA VAL B 39 -19.23 -0.05 -17.22
C VAL B 39 -18.55 -1.36 -17.64
N GLU B 40 -17.47 -1.29 -18.40
CA GLU B 40 -16.78 -2.47 -18.99
C GLU B 40 -16.11 -3.29 -17.88
N PHE B 41 -15.40 -2.61 -17.00
CA PHE B 41 -14.80 -3.22 -15.79
C PHE B 41 -15.89 -4.00 -15.04
N ASN B 42 -16.97 -3.33 -14.70
CA ASN B 42 -18.08 -3.91 -13.88
C ASN B 42 -18.68 -5.14 -14.59
N LYS B 43 -18.75 -5.16 -15.90
CA LYS B 43 -19.35 -6.33 -16.61
C LYS B 43 -18.43 -7.53 -16.50
N ALA B 44 -17.13 -7.33 -16.38
CA ALA B 44 -16.17 -8.45 -16.30
C ALA B 44 -16.15 -9.02 -14.89
N GLN B 45 -16.71 -8.33 -13.89
CA GLN B 45 -16.64 -8.80 -12.48
C GLN B 45 -17.87 -9.65 -12.23
N GLN B 46 -17.82 -10.50 -11.21
CA GLN B 46 -18.99 -11.24 -10.68
C GLN B 46 -19.25 -10.68 -9.29
N GLY B 47 -20.26 -9.82 -9.19
CA GLY B 47 -20.77 -9.31 -7.90
C GLY B 47 -19.97 -8.16 -7.32
N ARG B 48 -18.98 -7.59 -8.04
CA ARG B 48 -18.07 -6.55 -7.48
C ARG B 48 -18.07 -5.37 -8.45
N CYS B 49 -18.22 -4.14 -7.97
CA CYS B 49 -18.32 -2.96 -8.87
C CYS B 49 -17.50 -1.76 -8.36
N VAL B 50 -17.21 -0.86 -9.28
CA VAL B 50 -16.74 0.50 -8.95
C VAL B 50 -17.91 1.44 -9.21
N ARG B 51 -18.20 2.33 -8.27
CA ARG B 51 -19.24 3.39 -8.44
C ARG B 51 -18.48 4.69 -8.54
N PRO B 52 -18.45 5.34 -9.71
CA PRO B 52 -17.88 6.67 -9.83
C PRO B 52 -18.88 7.66 -9.21
N VAL B 53 -18.38 8.65 -8.45
CA VAL B 53 -19.23 9.65 -7.78
C VAL B 53 -18.69 11.03 -8.15
N PRO B 54 -19.41 11.79 -9.01
CA PRO B 54 -18.98 13.14 -9.34
C PRO B 54 -19.11 14.07 -8.10
N GLN B 55 -18.05 14.83 -7.81
CA GLN B 55 -17.93 15.68 -6.61
C GLN B 55 -17.90 17.16 -7.02
N GLY B 56 -18.07 17.47 -8.30
CA GLY B 56 -17.93 18.81 -8.88
C GLY B 56 -16.66 18.89 -9.69
N GLY B 57 -15.97 20.03 -9.69
CA GLY B 57 -14.61 20.13 -10.24
C GLY B 57 -13.58 19.52 -9.31
N TYR B 58 -12.32 19.72 -9.64
CA TYR B 58 -11.16 19.23 -8.86
C TYR B 58 -11.07 19.92 -7.49
N ARG B 59 -11.35 21.22 -7.40
CA ARG B 59 -11.27 21.92 -6.10
C ARG B 59 -12.45 21.45 -5.23
N ASP B 60 -13.66 21.30 -5.78
CA ASP B 60 -14.80 20.69 -5.04
C ASP B 60 -14.39 19.32 -4.52
N LEU B 61 -13.81 18.49 -5.38
CA LEU B 61 -13.36 17.14 -5.01
C LEU B 61 -12.44 17.24 -3.79
N SER B 62 -11.43 18.13 -3.81
CA SER B 62 -10.45 18.10 -2.69
C SER B 62 -11.14 18.58 -1.39
N THR B 63 -12.04 19.57 -1.47
CA THR B 63 -12.89 20.02 -0.33
C THR B 63 -13.73 18.87 0.22
N LYS B 64 -14.37 18.11 -0.69
CA LYS B 64 -15.22 16.96 -0.30
C LYS B 64 -14.37 15.87 0.37
N ILE B 65 -13.15 15.60 -0.11
CA ILE B 65 -12.28 14.58 0.54
C ILE B 65 -11.86 15.04 1.94
N LYS B 66 -11.51 16.31 2.10
CA LYS B 66 -11.21 16.84 3.47
C LYS B 66 -12.37 16.63 4.45
N ALA B 67 -13.59 17.01 4.03
CA ALA B 67 -14.82 16.76 4.82
C ALA B 67 -14.93 15.26 5.16
N ALA B 68 -14.76 14.39 4.17
CA ALA B 68 -14.86 12.92 4.31
C ALA B 68 -13.90 12.40 5.41
N PHE B 69 -12.64 12.86 5.44
CA PHE B 69 -11.68 12.52 6.52
C PHE B 69 -12.25 12.96 7.88
N ALA B 70 -12.73 14.20 7.97
CA ALA B 70 -13.37 14.71 9.21
C ALA B 70 -14.56 13.83 9.60
N ALA B 71 -15.39 13.40 8.63
CA ALA B 71 -16.57 12.54 8.89
C ALA B 71 -16.19 11.07 9.10
N GLY B 72 -14.94 10.69 8.82
CA GLY B 72 -14.43 9.29 8.83
C GLY B 72 -15.15 8.40 7.80
N LYS B 73 -15.42 8.91 6.61
CA LYS B 73 -16.22 8.21 5.58
C LYS B 73 -15.55 8.43 4.22
N VAL B 74 -14.34 7.94 4.05
CA VAL B 74 -13.61 8.13 2.76
C VAL B 74 -14.13 7.13 1.74
N PRO B 75 -14.05 7.47 0.44
CA PRO B 75 -14.31 6.51 -0.63
C PRO B 75 -13.16 5.49 -0.65
N THR B 76 -13.27 4.44 -1.47
CA THR B 76 -12.18 3.48 -1.76
C THR B 76 -11.09 4.20 -2.57
N MET B 77 -11.47 4.86 -3.67
CA MET B 77 -10.49 5.59 -4.51
C MET B 77 -10.96 7.02 -4.79
N ALA B 78 -10.02 7.89 -5.19
CA ALA B 78 -10.30 9.27 -5.66
C ALA B 78 -9.24 9.68 -6.64
N GLN B 79 -9.58 10.69 -7.45
CA GLN B 79 -8.60 11.41 -8.27
C GLN B 79 -7.81 12.27 -7.30
N ALA B 80 -6.54 12.48 -7.62
CA ALA B 80 -5.67 13.38 -6.85
C ALA B 80 -4.54 13.92 -7.69
N PHE B 81 -4.32 15.21 -7.60
CA PHE B 81 -3.08 15.90 -8.05
C PHE B 81 -1.97 15.50 -7.09
N GLU B 82 -0.73 15.63 -7.56
CA GLU B 82 0.49 15.29 -6.76
C GLU B 82 0.51 16.05 -5.43
N ASN B 83 0.12 17.33 -5.40
CA ASN B 83 0.05 18.13 -4.13
C ASN B 83 -1.05 17.60 -3.19
N ASN B 84 -2.18 17.11 -3.73
CA ASN B 84 -3.25 16.46 -2.93
C ASN B 84 -2.63 15.19 -2.33
N ILE B 85 -1.85 14.42 -3.12
CA ILE B 85 -1.19 13.19 -2.56
C ILE B 85 -0.32 13.59 -1.35
N ALA B 86 0.53 14.60 -1.50
CA ALA B 86 1.44 15.12 -0.44
C ALA B 86 0.61 15.42 0.80
N LEU B 87 -0.52 16.05 0.63
CA LEU B 87 -1.41 16.46 1.74
C LEU B 87 -1.96 15.21 2.44
N TYR B 88 -2.49 14.24 1.68
CA TYR B 88 -3.12 13.04 2.26
C TYR B 88 -2.04 12.18 2.94
N LEU B 89 -0.78 12.28 2.51
CA LEU B 89 0.32 11.52 3.12
C LEU B 89 0.70 12.06 4.52
N GLU B 90 0.41 13.34 4.83
CA GLU B 90 0.61 13.92 6.19
C GLU B 90 -0.18 13.13 7.24
N ALA B 91 -1.35 12.65 6.86
CA ALA B 91 -2.27 11.82 7.68
C ALA B 91 -1.92 10.33 7.54
N LYS B 92 -1.00 9.96 6.62
CA LYS B 92 -0.80 8.57 6.13
C LYS B 92 -2.17 7.94 5.81
N ALA B 93 -3.01 8.64 5.03
CA ALA B 93 -4.36 8.18 4.62
C ALA B 93 -4.32 7.23 3.40
N LEU B 94 -3.15 7.06 2.76
CA LEU B 94 -3.09 6.40 1.42
C LEU B 94 -2.32 5.07 1.47
N LEU B 95 -2.90 4.05 0.82
CA LEU B 95 -2.23 2.74 0.65
C LEU B 95 -1.12 2.88 -0.38
N PRO B 96 0.08 2.34 -0.12
CA PRO B 96 1.03 2.18 -1.21
C PRO B 96 0.39 1.30 -2.31
N ILE B 97 0.55 1.71 -3.56
CA ILE B 97 -0.10 1.05 -4.71
C ILE B 97 0.47 -0.39 -4.83
N GLU B 98 1.78 -0.54 -4.63
CA GLU B 98 2.46 -1.85 -4.77
C GLU B 98 2.03 -2.79 -3.66
N SER B 99 1.51 -2.31 -2.53
CA SER B 99 0.99 -3.20 -1.46
CA SER B 99 0.95 -3.17 -1.45
C SER B 99 -0.24 -3.98 -1.99
N LEU B 100 -0.91 -3.48 -3.04
CA LEU B 100 -2.02 -4.28 -3.64
C LEU B 100 -1.48 -5.30 -4.67
N GLY B 101 -0.19 -5.28 -4.98
CA GLY B 101 0.36 -6.24 -5.96
C GLY B 101 0.29 -5.71 -7.39
N VAL B 102 -0.04 -4.44 -7.54
CA VAL B 102 -0.21 -3.76 -8.85
C VAL B 102 1.15 -3.41 -9.44
N LYS B 103 1.37 -3.84 -10.66
CA LYS B 103 2.67 -3.68 -11.34
C LYS B 103 2.58 -2.38 -12.12
N LEU B 104 3.61 -1.55 -11.99
CA LEU B 104 3.68 -0.19 -12.56
C LEU B 104 4.80 -0.07 -13.59
N GLN B 105 5.52 -1.17 -13.86
CA GLN B 105 6.58 -1.16 -14.88
C GLN B 105 5.86 -0.80 -16.18
N GLY B 106 6.44 -0.01 -17.00
CA GLY B 106 5.76 0.28 -18.27
C GLY B 106 5.00 1.61 -18.13
N VAL B 107 4.70 2.05 -16.91
CA VAL B 107 4.19 3.43 -16.72
C VAL B 107 5.32 4.43 -17.02
N ASN B 108 5.04 5.37 -17.92
CA ASN B 108 5.99 6.49 -18.24
C ASN B 108 6.54 7.12 -16.95
N LEU B 109 7.86 7.22 -16.81
CA LEU B 109 8.56 7.74 -15.60
C LEU B 109 8.23 9.23 -15.40
N THR B 110 7.86 9.97 -16.45
CA THR B 110 7.30 11.35 -16.32
C THR B 110 6.20 11.28 -15.26
N PHE B 111 5.28 10.35 -15.43
CA PHE B 111 4.09 10.28 -14.55
C PHE B 111 4.43 9.46 -13.29
N LEU B 112 5.16 8.33 -13.42
CA LEU B 112 5.41 7.44 -12.25
C LEU B 112 6.27 8.16 -11.21
N ASN B 113 7.26 8.92 -11.65
CA ASN B 113 8.13 9.72 -10.72
C ASN B 113 7.26 10.69 -9.93
N ALA B 114 6.20 11.26 -10.52
CA ALA B 114 5.44 12.36 -9.89
C ALA B 114 4.62 11.79 -8.72
N VAL B 115 4.33 10.50 -8.72
CA VAL B 115 3.47 9.87 -7.68
C VAL B 115 4.34 9.12 -6.69
N ARG B 116 5.67 9.25 -6.78
CA ARG B 116 6.62 8.54 -5.87
C ARG B 116 6.98 9.50 -4.77
N PHE B 117 6.67 9.16 -3.50
CA PHE B 117 6.99 10.00 -2.33
C PHE B 117 7.79 9.14 -1.38
N GLY B 118 8.99 9.64 -1.03
CA GLY B 118 9.91 8.91 -0.13
C GLY B 118 10.24 7.56 -0.72
N GLY B 119 10.34 7.45 -2.03
CA GLY B 119 10.67 6.18 -2.71
C GLY B 119 9.45 5.34 -3.00
N VAL B 120 8.26 5.70 -2.52
CA VAL B 120 7.13 4.75 -2.69
C VAL B 120 5.98 5.39 -3.47
N VAL B 121 5.38 4.56 -4.33
CA VAL B 121 4.31 5.01 -5.25
C VAL B 121 2.97 5.02 -4.52
N TYR B 122 2.34 6.17 -4.41
CA TYR B 122 1.01 6.25 -3.75
C TYR B 122 -0.12 6.64 -4.70
N GLY B 123 0.15 6.70 -5.99
CA GLY B 123 -0.86 7.07 -6.98
C GLY B 123 -0.71 6.29 -8.29
N VAL B 124 -1.79 6.05 -9.01
CA VAL B 124 -1.77 5.45 -10.37
C VAL B 124 -2.12 6.57 -11.35
N PRO B 125 -1.14 7.05 -12.14
CA PRO B 125 -1.44 8.03 -13.19
C PRO B 125 -2.57 7.51 -14.04
N PHE B 126 -3.62 8.28 -14.22
CA PHE B 126 -4.86 7.78 -14.87
C PHE B 126 -5.24 8.73 -16.03
N ASN B 127 -5.62 9.96 -15.71
CA ASN B 127 -5.99 11.02 -16.70
C ASN B 127 -4.97 12.16 -16.63
N LYS B 128 -3.82 11.99 -17.26
CA LYS B 128 -2.70 12.96 -17.18
C LYS B 128 -2.68 13.72 -18.52
N SER B 129 -2.74 15.04 -18.44
CA SER B 129 -2.81 15.96 -19.61
C SER B 129 -1.47 16.64 -19.76
N ILE B 130 -1.22 17.20 -20.92
CA ILE B 130 -0.09 18.09 -21.19
C ILE B 130 -0.63 19.30 -21.97
N GLN B 131 -0.07 20.48 -21.74
CA GLN B 131 -0.48 21.63 -22.56
C GLN B 131 -0.01 21.43 -23.99
N VAL B 132 -0.77 21.99 -24.91
CA VAL B 132 -0.47 21.94 -26.37
C VAL B 132 -0.80 23.31 -26.91
N LEU B 133 -0.33 23.58 -28.12
CA LEU B 133 -0.78 24.80 -28.83
C LEU B 133 -1.99 24.47 -29.70
N TYR B 134 -3.16 24.97 -29.32
CA TYR B 134 -4.37 24.90 -30.17
C TYR B 134 -4.27 26.05 -31.15
N TYR B 135 -4.73 25.85 -32.36
CA TYR B 135 -4.76 26.99 -33.30
C TYR B 135 -5.86 26.85 -34.34
N ASN B 136 -6.09 27.97 -34.99
CA ASN B 136 -7.10 28.12 -36.07
C ASN B 136 -6.35 27.94 -37.39
N LYS B 137 -6.41 26.71 -37.90
CA LYS B 137 -5.76 26.38 -39.20
C LYS B 137 -6.23 27.34 -40.31
N ASP B 138 -7.53 27.67 -40.36
CA ASP B 138 -8.13 28.51 -41.45
C ASP B 138 -7.51 29.90 -41.40
N LEU B 139 -7.34 30.42 -40.20
CA LEU B 139 -6.90 31.81 -40.04
C LEU B 139 -5.42 31.92 -40.35
N LEU B 140 -4.61 30.95 -39.94
CA LEU B 140 -3.16 30.94 -40.28
C LEU B 140 -3.02 30.80 -41.81
N LYS B 141 -3.74 29.84 -42.40
CA LYS B 141 -3.73 29.60 -43.87
C LYS B 141 -4.11 30.89 -44.59
N LYS B 142 -5.20 31.52 -44.19
CA LYS B 142 -5.69 32.77 -44.81
C LYS B 142 -4.50 33.73 -44.95
N HIS B 143 -3.66 33.91 -43.92
CA HIS B 143 -2.61 34.98 -43.91
C HIS B 143 -1.20 34.41 -44.19
N GLY B 144 -1.13 33.17 -44.64
CA GLY B 144 0.15 32.46 -44.90
C GLY B 144 1.09 32.45 -43.69
N VAL B 145 0.61 32.22 -42.48
CA VAL B 145 1.45 32.32 -41.24
C VAL B 145 1.75 30.88 -40.84
N PRO B 146 3.03 30.48 -40.76
CA PRO B 146 3.40 29.15 -40.29
C PRO B 146 3.02 29.02 -38.81
N VAL B 147 2.80 27.79 -38.40
CA VAL B 147 2.64 27.52 -36.97
C VAL B 147 3.94 27.94 -36.28
N PRO B 148 3.92 28.76 -35.20
CA PRO B 148 5.18 29.23 -34.60
C PRO B 148 5.88 28.10 -33.84
N ALA B 149 7.17 27.87 -34.10
CA ALA B 149 7.98 26.82 -33.41
C ALA B 149 8.74 27.46 -32.24
N THR B 150 8.85 28.79 -32.19
CA THR B 150 9.57 29.51 -31.12
C THR B 150 8.68 30.55 -30.47
N LEU B 151 8.99 30.92 -29.21
CA LEU B 151 8.26 31.97 -28.47
C LEU B 151 8.33 33.28 -29.26
N GLU B 152 9.49 33.56 -29.84
CA GLU B 152 9.68 34.79 -30.64
C GLU B 152 8.73 34.74 -31.84
N GLU B 153 8.70 33.60 -32.53
CA GLU B 153 7.77 33.42 -33.65
C GLU B 153 6.32 33.57 -33.20
N PHE B 154 6.02 33.05 -32.00
CA PHE B 154 4.64 33.01 -31.50
C PHE B 154 4.13 34.45 -31.32
N VAL B 155 4.93 35.28 -30.69
CA VAL B 155 4.61 36.70 -30.41
C VAL B 155 4.48 37.47 -31.74
N ALA B 156 5.34 37.20 -32.72
CA ALA B 156 5.30 37.86 -34.05
C ALA B 156 4.02 37.45 -34.82
N ALA B 157 3.70 36.17 -34.79
CA ALA B 157 2.48 35.62 -35.42
C ALA B 157 1.23 36.26 -34.79
N ALA B 158 1.16 36.31 -33.46
CA ALA B 158 0.01 36.89 -32.72
C ALA B 158 -0.14 38.36 -33.11
N LYS B 159 0.94 39.15 -33.14
CA LYS B 159 0.82 40.58 -33.51
C LYS B 159 0.35 40.69 -34.97
N LYS B 160 0.95 39.91 -35.85
CA LYS B 160 0.67 40.03 -37.31
C LYS B 160 -0.79 39.64 -37.52
N LEU B 161 -1.25 38.57 -36.89
CA LEU B 161 -2.64 38.12 -37.16
C LEU B 161 -3.62 39.09 -36.48
N SER B 162 -3.28 39.65 -35.30
CA SER B 162 -4.15 40.56 -34.55
C SER B 162 -4.34 41.87 -35.35
N ARG B 163 -3.25 42.33 -35.96
CA ARG B 163 -3.25 43.56 -36.81
C ARG B 163 -4.14 43.33 -38.03
N ALA B 164 -3.98 42.21 -38.72
CA ALA B 164 -4.79 41.85 -39.90
C ALA B 164 -6.26 41.63 -39.55
N GLU B 165 -6.58 41.06 -38.37
CA GLU B 165 -7.98 40.67 -38.05
C GLU B 165 -8.68 41.73 -37.17
N GLY B 166 -7.97 42.77 -36.71
CA GLY B 166 -8.54 43.88 -35.95
C GLY B 166 -8.94 43.45 -34.54
N GLY B 167 -8.29 42.42 -33.97
CA GLY B 167 -8.50 42.06 -32.57
C GLY B 167 -7.50 41.05 -32.07
N PRO B 168 -7.33 40.95 -30.73
CA PRO B 168 -6.36 40.03 -30.15
C PRO B 168 -6.63 38.52 -30.35
N VAL B 169 -5.70 37.83 -30.99
CA VAL B 169 -5.92 36.45 -31.51
C VAL B 169 -5.25 35.41 -30.63
N TYR B 170 -4.37 35.78 -29.65
CA TYR B 170 -3.89 34.82 -28.64
C TYR B 170 -4.84 34.91 -27.42
N TRP B 171 -5.59 33.85 -27.13
CA TRP B 171 -6.60 33.87 -26.05
C TRP B 171 -6.02 33.11 -24.84
N PHE B 172 -6.16 33.62 -23.65
CA PHE B 172 -5.61 32.94 -22.49
C PHE B 172 -6.48 33.20 -21.28
N GLN B 173 -6.46 32.23 -20.38
CA GLN B 173 -7.01 32.38 -19.03
C GLN B 173 -5.93 33.04 -18.16
N PRO B 174 -6.23 34.13 -17.44
CA PRO B 174 -5.22 34.76 -16.60
C PRO B 174 -5.03 33.91 -15.34
N ASP B 175 -4.40 32.74 -15.48
CA ASP B 175 -4.36 31.72 -14.39
C ASP B 175 -2.95 31.12 -14.23
N ALA B 176 -2.74 30.35 -13.16
CA ALA B 176 -1.46 29.71 -12.83
C ALA B 176 -1.03 28.79 -13.95
N SER B 177 -1.96 28.04 -14.55
CA SER B 177 -1.69 27.04 -15.59
C SER B 177 -1.07 27.76 -16.76
N THR B 178 -1.65 28.88 -17.21
CA THR B 178 -1.19 29.57 -18.41
C THR B 178 0.16 30.25 -18.08
N PHE B 179 0.27 30.84 -16.92
CA PHE B 179 1.52 31.49 -16.45
C PHE B 179 2.67 30.49 -16.49
N ALA B 180 2.44 29.22 -16.10
CA ALA B 180 3.49 28.19 -15.99
C ALA B 180 4.13 27.95 -17.37
N TYR B 181 3.34 27.94 -18.44
CA TYR B 181 3.89 27.77 -19.81
C TYR B 181 4.98 28.84 -20.03
N PHE B 182 4.62 30.10 -19.81
CA PHE B 182 5.50 31.24 -20.17
C PHE B 182 6.72 31.26 -19.21
N PHE B 183 6.46 31.07 -17.94
CA PHE B 183 7.42 30.98 -16.82
C PHE B 183 8.47 29.87 -17.07
N PHE B 184 8.00 28.65 -17.34
CA PHE B 184 8.91 27.51 -17.62
C PHE B 184 9.76 27.84 -18.83
N ASN B 185 9.14 28.31 -19.90
CA ASN B 185 9.91 28.50 -21.16
C ASN B 185 10.77 29.78 -21.19
N LEU B 186 10.71 30.67 -20.17
CA LEU B 186 11.67 31.78 -20.01
C LEU B 186 12.77 31.35 -19.02
N GLY B 187 12.85 30.07 -18.63
CA GLY B 187 13.92 29.53 -17.78
C GLY B 187 13.55 29.50 -16.30
N GLY B 188 12.26 29.62 -15.97
CA GLY B 188 11.80 29.83 -14.59
C GLY B 188 11.79 28.51 -13.84
N SER B 189 11.98 28.59 -12.53
CA SER B 189 11.86 27.41 -11.65
C SER B 189 11.26 27.86 -10.33
N TYR B 190 10.28 27.09 -9.86
CA TYR B 190 9.51 27.48 -8.67
C TYR B 190 10.34 27.28 -7.39
N LEU B 191 11.22 26.30 -7.35
CA LEU B 191 12.00 25.99 -6.11
C LEU B 191 13.46 26.43 -6.27
N LYS B 192 13.92 27.29 -5.38
CA LYS B 192 15.32 27.78 -5.33
C LYS B 192 15.93 27.31 -4.01
N ASP B 193 16.80 26.28 -4.09
CA ASP B 193 17.41 25.61 -2.92
C ASP B 193 16.29 25.21 -1.95
N GLY B 194 15.25 24.57 -2.46
CA GLY B 194 14.14 24.08 -1.66
C GLY B 194 13.08 25.13 -1.33
N LYS B 195 13.32 26.43 -1.57
CA LYS B 195 12.33 27.47 -1.16
C LYS B 195 11.40 27.80 -2.33
N LEU B 196 10.10 27.90 -2.07
CA LEU B 196 9.14 28.32 -3.14
C LEU B 196 9.34 29.83 -3.43
N VAL B 197 9.64 30.19 -4.68
CA VAL B 197 9.87 31.59 -5.13
C VAL B 197 8.87 31.90 -6.26
N LEU B 198 7.92 32.81 -6.02
CA LEU B 198 6.90 33.20 -7.01
C LEU B 198 7.27 34.50 -7.74
N ASN B 199 8.27 35.23 -7.24
CA ASN B 199 8.57 36.62 -7.71
C ASN B 199 9.97 36.69 -8.29
N SER B 200 10.47 35.60 -8.88
CA SER B 200 11.81 35.64 -9.51
C SER B 200 11.73 36.46 -10.80
N LYS B 201 12.89 36.79 -11.32
CA LYS B 201 12.93 37.63 -12.53
C LYS B 201 12.23 36.90 -13.68
N GLU B 202 12.26 35.55 -13.74
CA GLU B 202 11.57 34.83 -14.88
C GLU B 202 10.06 34.92 -14.70
N ALA B 203 9.57 34.95 -13.45
CA ALA B 203 8.14 35.13 -13.15
C ALA B 203 7.68 36.52 -13.63
N VAL B 204 8.43 37.56 -13.26
CA VAL B 204 8.14 38.97 -13.61
C VAL B 204 8.11 39.05 -15.14
N GLU B 205 9.08 38.43 -15.79
CA GLU B 205 9.19 38.44 -17.26
C GLU B 205 7.94 37.76 -17.87
N ALA B 206 7.49 36.67 -17.28
CA ALA B 206 6.41 35.84 -17.89
C ALA B 206 5.12 36.65 -17.77
N LEU B 207 4.86 37.23 -16.59
CA LEU B 207 3.65 38.06 -16.32
C LEU B 207 3.68 39.40 -17.06
N THR B 208 4.83 39.99 -17.27
CA THR B 208 4.99 41.20 -18.07
C THR B 208 4.67 40.88 -19.55
N LEU B 209 5.18 39.76 -20.08
CA LEU B 209 4.86 39.37 -21.49
C LEU B 209 3.34 39.31 -21.69
N LEU B 210 2.61 38.65 -20.79
CA LEU B 210 1.15 38.54 -20.94
C LEU B 210 0.53 39.93 -20.83
N GLN B 211 0.94 40.73 -19.85
CA GLN B 211 0.35 42.05 -19.59
C GLN B 211 0.61 42.99 -20.78
N ASN B 212 1.83 42.99 -21.32
CA ASN B 212 2.19 43.71 -22.58
C ASN B 212 1.35 43.19 -23.75
N GLY B 213 1.16 41.84 -23.88
CA GLY B 213 0.29 41.25 -24.91
C GLY B 213 -1.10 41.87 -24.90
N VAL B 214 -1.67 42.05 -23.71
CA VAL B 214 -3.02 42.67 -23.55
C VAL B 214 -2.90 44.15 -23.99
N LYS B 215 -1.92 44.92 -23.48
CA LYS B 215 -1.74 46.38 -23.79
C LYS B 215 -1.60 46.58 -25.31
N GLU B 216 -0.80 45.74 -25.95
CA GLU B 216 -0.41 45.83 -27.37
C GLU B 216 -1.52 45.29 -28.28
N GLY B 217 -2.54 44.61 -27.75
CA GLY B 217 -3.73 44.23 -28.53
C GLY B 217 -3.55 42.91 -29.27
N TRP B 218 -2.66 42.05 -28.83
CA TRP B 218 -2.50 40.69 -29.41
C TRP B 218 -2.89 39.55 -28.48
N ALA B 219 -3.07 39.83 -27.18
CA ALA B 219 -3.47 38.82 -26.15
C ALA B 219 -4.83 39.19 -25.56
N LYS B 220 -5.78 38.24 -25.57
CA LYS B 220 -7.18 38.41 -25.12
C LYS B 220 -7.39 37.67 -23.81
N PRO B 221 -7.58 38.35 -22.64
CA PRO B 221 -7.89 37.65 -21.40
C PRO B 221 -9.31 37.11 -21.47
N ILE B 222 -9.49 35.84 -21.12
CA ILE B 222 -10.79 35.16 -21.01
C ILE B 222 -11.17 35.04 -19.54
N THR B 223 -12.19 35.76 -19.13
CA THR B 223 -12.54 35.96 -17.70
C THR B 223 -13.82 35.17 -17.37
N SER B 224 -14.50 34.65 -18.38
CA SER B 224 -15.79 33.94 -18.18
C SER B 224 -15.79 32.62 -18.99
N GLY B 225 -15.73 31.49 -18.28
CA GLY B 225 -15.72 30.15 -18.87
C GLY B 225 -14.34 29.76 -19.40
N TYR B 226 -14.27 28.59 -19.97
CA TYR B 226 -13.07 28.04 -20.65
C TYR B 226 -12.90 28.74 -22.00
N ILE B 227 -11.67 28.70 -22.50
CA ILE B 227 -11.36 29.32 -23.82
C ILE B 227 -12.30 28.73 -24.86
N ASN B 228 -12.49 27.44 -24.87
CA ASN B 228 -13.33 26.76 -25.89
C ASN B 228 -14.80 27.17 -25.75
N GLN B 229 -15.24 27.67 -24.59
CA GLN B 229 -16.63 28.19 -24.44
C GLN B 229 -16.74 29.63 -24.99
N ASN B 230 -15.63 30.29 -25.32
CA ASN B 230 -15.65 31.72 -25.72
C ASN B 230 -15.47 31.80 -27.24
N LEU B 231 -15.15 30.69 -27.87
CA LEU B 231 -14.91 30.65 -29.31
C LEU B 231 -16.14 31.21 -30.03
N GLY B 232 -15.91 32.04 -31.05
CA GLY B 232 -16.94 32.49 -31.98
C GLY B 232 -17.20 33.98 -31.82
N SER B 233 -16.80 34.54 -30.65
CA SER B 233 -16.75 36.00 -30.36
C SER B 233 -15.36 36.52 -30.67
N GLY B 234 -15.13 37.02 -31.86
CA GLY B 234 -13.89 37.68 -32.28
C GLY B 234 -12.93 36.69 -32.89
N PRO B 235 -11.85 37.19 -33.52
CA PRO B 235 -10.91 36.33 -34.18
C PRO B 235 -10.08 35.56 -33.16
N TYR B 236 -9.84 34.28 -33.46
CA TYR B 236 -9.04 33.40 -32.60
C TYR B 236 -7.97 32.75 -33.45
N ALA B 237 -6.70 32.80 -33.03
CA ALA B 237 -5.60 32.13 -33.74
C ALA B 237 -4.99 31.02 -32.89
N PHE B 238 -4.79 31.27 -31.61
CA PHE B 238 -3.95 30.40 -30.75
C PHE B 238 -4.43 30.39 -29.30
N SER B 239 -4.29 29.27 -28.62
CA SER B 239 -4.30 29.16 -27.14
C SER B 239 -3.29 28.09 -26.71
N VAL B 240 -2.77 28.23 -25.49
CA VAL B 240 -1.95 27.21 -24.83
C VAL B 240 -2.87 26.63 -23.72
N ASP B 241 -3.20 25.35 -23.83
CA ASP B 241 -4.35 24.81 -23.09
C ASP B 241 -4.14 23.30 -22.88
N THR B 242 -4.80 22.76 -21.88
CA THR B 242 -4.72 21.31 -21.60
C THR B 242 -5.14 20.49 -22.83
N SER B 243 -4.44 19.39 -23.09
CA SER B 243 -4.82 18.38 -24.10
C SER B 243 -6.19 17.76 -23.78
N ALA B 244 -6.66 17.77 -22.50
CA ALA B 244 -7.98 17.20 -22.14
C ALA B 244 -9.07 18.12 -22.66
N GLY B 245 -8.71 19.32 -23.10
CA GLY B 245 -9.63 20.29 -23.72
C GLY B 245 -9.98 19.88 -25.15
N TYR B 246 -9.30 18.87 -25.71
CA TYR B 246 -9.33 18.55 -27.16
C TYR B 246 -10.77 18.42 -27.68
N THR B 247 -11.61 17.58 -27.07
CA THR B 247 -13.01 17.31 -27.55
C THR B 247 -13.85 18.55 -27.34
N TYR B 248 -13.52 19.37 -26.37
CA TYR B 248 -14.31 20.60 -26.08
C TYR B 248 -14.04 21.64 -27.17
N TYR B 249 -12.78 21.74 -27.59
CA TYR B 249 -12.46 22.65 -28.74
C TYR B 249 -13.15 22.11 -29.99
N LEU B 250 -13.03 20.82 -30.24
CA LEU B 250 -13.59 20.21 -31.46
C LEU B 250 -15.09 20.46 -31.52
N ARG B 251 -15.82 20.38 -30.41
CA ARG B 251 -17.30 20.53 -30.50
C ARG B 251 -17.66 22.01 -30.66
N ALA B 252 -16.84 22.93 -30.15
CA ALA B 252 -17.15 24.37 -30.17
C ALA B 252 -16.69 25.03 -31.49
N ALA B 253 -15.59 24.58 -32.08
CA ALA B 253 -14.80 25.33 -33.10
C ALA B 253 -15.63 25.41 -34.39
N LYS B 254 -15.86 26.60 -34.91
CA LYS B 254 -16.58 26.71 -36.23
C LYS B 254 -15.57 26.63 -37.41
N PHE B 255 -14.29 26.72 -37.08
CA PHE B 255 -13.09 26.67 -37.95
C PHE B 255 -12.45 25.29 -37.82
N ASP B 256 -11.52 25.02 -38.71
CA ASP B 256 -10.64 23.81 -38.67
C ASP B 256 -9.61 23.94 -37.57
N LEU B 257 -9.74 23.18 -36.50
CA LEU B 257 -8.88 23.27 -35.33
C LEU B 257 -7.56 22.54 -35.60
N GLY B 258 -6.47 23.19 -35.19
CA GLY B 258 -5.11 22.63 -35.31
C GLY B 258 -4.58 22.32 -33.92
N VAL B 259 -3.74 21.28 -33.81
CA VAL B 259 -2.94 21.04 -32.58
C VAL B 259 -1.46 20.97 -32.94
N ALA B 260 -0.61 21.72 -32.23
CA ALA B 260 0.82 21.68 -32.45
C ALA B 260 1.53 21.50 -31.14
N THR B 261 2.78 21.05 -31.20
CA THR B 261 3.70 21.13 -30.03
C THR B 261 3.86 22.61 -29.63
N LEU B 262 4.28 22.83 -28.38
CA LEU B 262 4.41 24.20 -27.85
C LEU B 262 5.62 24.89 -28.46
N PRO B 263 5.52 26.20 -28.70
CA PRO B 263 6.71 26.98 -29.03
C PRO B 263 7.73 26.94 -27.87
N GLY B 264 9.00 26.74 -28.21
CA GLY B 264 10.12 26.77 -27.27
C GLY B 264 11.03 27.97 -27.49
N ARG B 265 12.05 28.10 -26.65
CA ARG B 265 13.03 29.21 -26.78
C ARG B 265 13.67 29.15 -28.16
N THR B 266 14.11 27.95 -28.57
CA THR B 266 14.71 27.73 -29.92
C THR B 266 13.98 26.62 -30.64
N LYS B 267 14.29 26.44 -31.93
CA LYS B 267 13.70 25.32 -32.70
C LYS B 267 14.39 24.02 -32.31
N GLY B 268 15.40 23.98 -31.44
CA GLY B 268 16.11 22.73 -31.15
C GLY B 268 15.25 21.82 -30.29
N GLN B 269 14.16 22.36 -29.69
CA GLN B 269 13.25 21.63 -28.79
C GLN B 269 11.90 22.33 -28.66
N PRO B 270 10.78 21.56 -28.57
CA PRO B 270 9.50 22.15 -28.22
C PRO B 270 9.55 22.80 -26.83
N GLY B 271 8.74 23.82 -26.53
CA GLY B 271 8.58 24.30 -25.15
C GLY B 271 8.07 23.20 -24.22
N TYR B 272 8.34 23.33 -22.93
CA TYR B 272 7.75 22.47 -21.88
C TYR B 272 6.29 22.86 -21.73
N GLY B 273 5.43 21.87 -21.60
CA GLY B 273 4.03 22.04 -21.22
C GLY B 273 3.88 21.63 -19.76
N LEU B 274 2.87 22.18 -19.15
CA LEU B 274 2.48 21.85 -17.77
C LEU B 274 1.69 20.53 -17.81
N VAL B 275 2.05 19.56 -16.97
CA VAL B 275 1.25 18.32 -16.79
C VAL B 275 0.13 18.64 -15.82
N GLN B 276 -1.08 18.33 -16.20
CA GLN B 276 -2.26 18.47 -15.30
C GLN B 276 -3.03 17.12 -15.34
N GLY B 277 -4.28 17.10 -14.91
CA GLY B 277 -5.02 15.83 -14.75
C GLY B 277 -4.55 15.16 -13.49
N THR B 278 -5.02 13.94 -13.23
CA THR B 278 -5.01 13.30 -11.90
C THR B 278 -4.56 11.83 -11.95
N ASN B 279 -4.18 11.38 -10.76
CA ASN B 279 -3.76 10.04 -10.39
C ASN B 279 -4.89 9.45 -9.56
N LEU B 280 -5.01 8.14 -9.52
CA LEU B 280 -5.96 7.44 -8.62
C LEU B 280 -5.25 7.01 -7.38
N VAL B 281 -5.82 7.32 -6.22
CA VAL B 281 -5.24 6.92 -4.93
C VAL B 281 -6.24 5.98 -4.30
N VAL B 282 -5.76 5.16 -3.39
CA VAL B 282 -6.56 4.18 -2.63
C VAL B 282 -6.39 4.56 -1.15
N PHE B 283 -7.48 4.74 -0.45
CA PHE B 283 -7.51 5.13 0.97
C PHE B 283 -7.30 3.90 1.84
N ARG B 284 -6.42 4.02 2.82
CA ARG B 284 -6.15 2.95 3.82
C ARG B 284 -7.45 2.52 4.53
N GLN B 285 -8.36 3.45 4.75
CA GLN B 285 -9.60 3.23 5.54
C GLN B 285 -10.55 2.26 4.81
N ALA B 286 -10.46 2.11 3.49
CA ALA B 286 -11.30 1.16 2.72
C ALA B 286 -11.17 -0.29 3.25
N SER B 287 -12.24 -1.08 3.14
CA SER B 287 -12.28 -2.52 3.52
C SER B 287 -11.35 -3.33 2.61
N LYS B 288 -10.83 -4.44 3.13
CA LYS B 288 -10.00 -5.41 2.37
C LYS B 288 -10.73 -5.81 1.07
N GLU B 289 -12.05 -6.06 1.14
CA GLU B 289 -12.85 -6.42 -0.05
C GLU B 289 -12.88 -5.23 -1.04
N GLU B 290 -13.04 -3.98 -0.57
CA GLU B 290 -13.07 -2.81 -1.47
C GLU B 290 -11.67 -2.62 -2.07
N GLN B 291 -10.63 -2.78 -1.23
CA GLN B 291 -9.21 -2.69 -1.69
C GLN B 291 -8.99 -3.70 -2.84
N ALA B 292 -9.56 -4.90 -2.75
CA ALA B 292 -9.34 -5.97 -3.76
C ALA B 292 -9.99 -5.56 -5.08
N VAL B 293 -11.13 -4.86 -5.00
CA VAL B 293 -11.81 -4.28 -6.20
C VAL B 293 -10.92 -3.17 -6.79
N ALA B 294 -10.40 -2.28 -5.95
CA ALA B 294 -9.43 -1.23 -6.37
C ALA B 294 -8.25 -1.90 -7.07
N LYS B 295 -7.69 -2.97 -6.52
CA LYS B 295 -6.56 -3.67 -7.20
C LYS B 295 -6.92 -3.99 -8.65
N ASP B 296 -8.02 -4.69 -8.84
CA ASP B 296 -8.39 -5.15 -10.22
C ASP B 296 -8.71 -3.93 -11.08
N PHE B 297 -9.37 -2.91 -10.51
CA PHE B 297 -9.70 -1.72 -11.31
C PHE B 297 -8.43 -1.01 -11.80
N LEU B 298 -7.46 -0.84 -10.92
CA LEU B 298 -6.17 -0.20 -11.28
C LEU B 298 -5.44 -1.00 -12.38
N GLU B 299 -5.42 -2.33 -12.26
CA GLU B 299 -4.80 -3.20 -13.28
C GLU B 299 -5.56 -3.00 -14.60
N PHE B 300 -6.88 -2.83 -14.51
CA PHE B 300 -7.70 -2.62 -15.72
C PHE B 300 -7.35 -1.26 -16.37
N VAL B 301 -7.35 -0.19 -15.59
CA VAL B 301 -7.06 1.21 -16.03
C VAL B 301 -5.65 1.28 -16.62
N LEU B 302 -4.70 0.46 -16.16
CA LEU B 302 -3.31 0.43 -16.70
C LEU B 302 -3.17 -0.49 -17.94
N SER B 303 -4.23 -1.22 -18.33
CA SER B 303 -4.14 -2.15 -19.47
C SER B 303 -4.03 -1.30 -20.73
N PRO B 304 -3.36 -1.81 -21.76
CA PRO B 304 -3.20 -1.04 -22.98
C PRO B 304 -4.55 -0.64 -23.60
N ARG B 305 -5.56 -1.56 -23.65
CA ARG B 305 -6.84 -1.23 -24.31
C ARG B 305 -7.55 -0.11 -23.53
N ALA B 306 -7.64 -0.22 -22.20
CA ALA B 306 -8.26 0.80 -21.37
C ALA B 306 -7.59 2.13 -21.62
N GLN B 307 -6.25 2.20 -21.58
CA GLN B 307 -5.54 3.45 -21.80
C GLN B 307 -5.78 3.93 -23.22
N ALA B 308 -5.73 3.05 -24.19
CA ALA B 308 -5.90 3.50 -25.61
C ALA B 308 -7.27 4.19 -25.80
N VAL B 309 -8.33 3.58 -25.27
CA VAL B 309 -9.73 3.99 -25.47
C VAL B 309 -9.94 5.31 -24.71
N PHE B 310 -9.48 5.35 -23.46
CA PHE B 310 -9.64 6.55 -22.63
C PHE B 310 -8.92 7.72 -23.28
N ALA B 311 -7.70 7.49 -23.76
CA ALA B 311 -6.83 8.57 -24.28
C ALA B 311 -7.32 9.06 -25.66
N THR B 312 -7.81 8.17 -26.50
CA THR B 312 -8.37 8.53 -27.82
C THR B 312 -9.73 9.25 -27.63
N ALA B 313 -10.46 8.98 -26.55
CA ALA B 313 -11.79 9.56 -26.35
C ALA B 313 -11.64 11.01 -25.87
N THR B 314 -10.48 11.41 -25.35
CA THR B 314 -10.41 12.60 -24.47
C THR B 314 -9.33 13.58 -24.90
N GLY B 315 -8.16 13.09 -25.31
CA GLY B 315 -6.93 13.87 -25.52
C GLY B 315 -6.02 13.83 -24.32
N TYR B 316 -6.37 13.12 -23.25
CA TYR B 316 -5.39 12.78 -22.22
C TYR B 316 -4.24 11.95 -22.84
N VAL B 317 -3.11 11.95 -22.13
CA VAL B 317 -1.86 11.29 -22.59
C VAL B 317 -1.93 9.84 -22.10
N PRO B 318 -1.79 8.88 -23.00
CA PRO B 318 -1.71 7.48 -22.58
C PRO B 318 -0.52 7.35 -21.61
N VAL B 319 -0.69 6.77 -20.42
CA VAL B 319 0.34 6.77 -19.36
C VAL B 319 1.28 5.57 -19.50
N THR B 320 1.02 4.63 -20.44
CA THR B 320 1.91 3.45 -20.57
C THR B 320 2.54 3.38 -21.95
N GLU B 321 3.69 2.75 -21.99
CA GLU B 321 4.31 2.21 -23.23
C GLU B 321 3.29 1.31 -23.99
N GLY B 322 2.63 0.39 -23.31
CA GLY B 322 1.75 -0.60 -23.94
C GLY B 322 0.65 0.07 -24.74
N ALA B 323 0.12 1.19 -24.26
CA ALA B 323 -1.05 1.82 -24.86
C ALA B 323 -0.73 2.21 -26.32
N LEU B 324 0.51 2.64 -26.58
CA LEU B 324 0.88 3.16 -27.91
C LEU B 324 0.99 1.97 -28.87
N LYS B 325 1.15 0.76 -28.35
CA LYS B 325 1.29 -0.43 -29.23
C LYS B 325 -0.10 -1.09 -29.44
N ASP B 326 -1.15 -0.55 -28.81
CA ASP B 326 -2.49 -1.16 -28.88
C ASP B 326 -3.08 -0.84 -30.27
N PRO B 327 -3.70 -1.79 -31.00
CA PRO B 327 -4.25 -1.49 -32.34
C PRO B 327 -5.38 -0.45 -32.31
N VAL B 328 -6.13 -0.30 -31.22
CA VAL B 328 -7.19 0.75 -31.20
C VAL B 328 -6.52 2.13 -31.18
N TYR B 329 -5.48 2.26 -30.37
CA TYR B 329 -4.70 3.51 -30.34
C TYR B 329 -4.14 3.77 -31.75
N GLN B 330 -3.52 2.75 -32.33
CA GLN B 330 -2.80 2.86 -33.64
C GLN B 330 -3.76 3.25 -34.77
N ALA B 331 -4.97 2.74 -34.74
CA ALA B 331 -6.04 3.05 -35.73
C ALA B 331 -6.46 4.51 -35.57
N TYR B 332 -6.68 4.99 -34.34
CA TYR B 332 -7.01 6.43 -34.11
C TYR B 332 -5.84 7.32 -34.58
N ALA B 333 -4.62 7.00 -34.18
CA ALA B 333 -3.44 7.86 -34.48
C ALA B 333 -3.25 7.93 -36.01
N ALA B 334 -3.46 6.83 -36.72
CA ALA B 334 -3.27 6.72 -38.19
C ALA B 334 -4.27 7.65 -38.90
N GLU B 335 -5.44 7.91 -38.30
CA GLU B 335 -6.52 8.70 -38.93
C GLU B 335 -6.46 10.15 -38.46
N ASN B 336 -5.73 10.43 -37.40
CA ASN B 336 -5.80 11.77 -36.75
C ASN B 336 -4.45 12.09 -36.13
N PRO B 337 -3.58 12.89 -36.78
CA PRO B 337 -2.22 13.11 -36.28
C PRO B 337 -2.14 13.80 -34.91
N ASP B 338 -3.24 14.38 -34.45
CA ASP B 338 -3.30 15.12 -33.19
C ASP B 338 -2.91 14.22 -32.01
N TYR B 339 -3.20 12.91 -32.09
CA TYR B 339 -2.86 12.01 -30.95
C TYR B 339 -1.35 11.89 -30.82
N ALA B 340 -0.64 11.73 -31.95
CA ALA B 340 0.85 11.67 -31.96
C ALA B 340 1.43 13.01 -31.48
N THR B 341 0.81 14.11 -31.85
CA THR B 341 1.23 15.49 -31.37
C THR B 341 1.12 15.57 -29.86
N ILE B 342 -0.01 15.12 -29.28
CA ILE B 342 -0.12 15.12 -27.79
C ILE B 342 1.02 14.27 -27.18
N VAL B 343 1.28 13.05 -27.71
CA VAL B 343 2.35 12.18 -27.15
C VAL B 343 3.72 12.84 -27.29
N ARG B 344 4.01 13.43 -28.46
CA ARG B 344 5.28 14.13 -28.67
C ARG B 344 5.44 15.21 -27.61
N GLN B 345 4.36 15.96 -27.37
CA GLN B 345 4.47 17.11 -26.47
C GLN B 345 4.66 16.56 -25.04
N SER B 346 4.06 15.40 -24.73
CA SER B 346 4.19 14.79 -23.38
C SER B 346 5.64 14.45 -23.04
N ARG B 347 6.54 14.42 -24.02
CA ARG B 347 7.97 14.16 -23.71
C ARG B 347 8.62 15.40 -23.06
N TYR B 348 8.06 16.60 -23.17
CA TYR B 348 8.61 17.93 -22.75
C TYR B 348 7.64 18.51 -21.74
N ALA B 349 7.74 18.03 -20.49
CA ALA B 349 6.67 18.04 -19.49
C ALA B 349 7.25 18.48 -18.16
N LYS B 350 6.65 19.52 -17.55
CA LYS B 350 7.01 19.99 -16.20
C LYS B 350 5.80 20.00 -15.30
N PHE B 351 6.10 19.91 -14.01
CA PHE B 351 5.10 19.83 -12.95
C PHE B 351 5.33 21.05 -12.07
N GLU B 352 4.24 21.50 -11.50
CA GLU B 352 4.27 22.46 -10.40
C GLU B 352 4.75 21.75 -9.13
N PRO B 353 5.20 22.50 -8.13
CA PRO B 353 5.65 21.92 -6.86
C PRO B 353 4.58 21.00 -6.24
N ALA B 354 4.97 19.85 -5.70
CA ALA B 354 4.07 18.91 -5.00
C ALA B 354 4.02 19.25 -3.49
N LEU B 355 3.89 20.51 -3.14
CA LEU B 355 3.72 20.94 -1.73
C LEU B 355 2.27 20.74 -1.31
N ALA B 356 2.05 20.33 -0.07
CA ALA B 356 0.66 20.10 0.43
C ALA B 356 -0.20 21.38 0.27
N GLU B 357 0.39 22.59 0.34
CA GLU B 357 -0.37 23.87 0.34
C GLU B 357 -0.55 24.38 -1.09
N TRP B 358 0.00 23.66 -2.07
CA TRP B 358 0.07 24.18 -3.46
C TRP B 358 -1.32 24.49 -4.01
N GLU B 359 -2.35 23.72 -3.67
CA GLU B 359 -3.68 23.98 -4.25
C GLU B 359 -4.16 25.38 -3.86
N GLN B 360 -4.11 25.69 -2.57
CA GLN B 360 -4.45 27.04 -2.07
C GLN B 360 -3.57 28.08 -2.78
N ILE B 361 -2.26 27.85 -2.83
CA ILE B 361 -1.30 28.86 -3.37
C ILE B 361 -1.63 29.09 -4.86
N ARG B 362 -1.80 28.05 -5.66
CA ARG B 362 -1.87 28.26 -7.16
C ARG B 362 -3.14 29.06 -7.51
N PHE B 363 -4.27 28.82 -6.84
CA PHE B 363 -5.56 29.54 -7.11
C PHE B 363 -5.67 30.84 -6.32
N ASP B 364 -5.57 30.78 -4.98
CA ASP B 364 -5.89 31.93 -4.10
C ASP B 364 -4.74 32.94 -4.05
N ILE B 365 -3.49 32.60 -4.35
CA ILE B 365 -2.35 33.56 -4.17
C ILE B 365 -1.72 33.85 -5.54
N LEU B 366 -1.18 32.84 -6.19
CA LEU B 366 -0.56 33.04 -7.51
C LEU B 366 -1.59 33.41 -8.58
N GLY B 367 -2.74 32.71 -8.69
CA GLY B 367 -3.76 33.03 -9.70
C GLY B 367 -4.37 34.42 -9.46
N GLN B 368 -4.54 34.82 -8.20
CA GLN B 368 -4.99 36.19 -7.84
C GLN B 368 -4.00 37.24 -8.36
N ALA B 369 -2.69 37.00 -8.24
CA ALA B 369 -1.68 38.01 -8.63
C ALA B 369 -1.73 38.13 -10.17
N ILE B 370 -1.88 37.01 -10.86
CA ILE B 370 -1.94 37.01 -12.36
C ILE B 370 -3.17 37.85 -12.73
N LYS B 371 -4.29 37.60 -12.06
CA LYS B 371 -5.55 38.33 -12.34
C LYS B 371 -5.38 39.82 -12.06
N GLU B 372 -4.69 40.18 -10.96
CA GLU B 372 -4.47 41.61 -10.56
CA GLU B 372 -4.52 41.62 -10.59
C GLU B 372 -3.73 42.29 -11.70
N ALA B 373 -2.65 41.67 -12.18
CA ALA B 373 -1.78 42.26 -13.23
C ALA B 373 -2.54 42.31 -14.56
N ILE B 374 -3.28 41.27 -14.90
CA ILE B 374 -3.90 41.22 -16.27
C ILE B 374 -5.21 42.00 -16.31
N LEU B 375 -6.07 41.84 -15.31
CA LEU B 375 -7.39 42.47 -15.29
C LEU B 375 -7.34 43.86 -14.62
N ASN B 376 -6.52 44.10 -13.60
CA ASN B 376 -6.47 45.41 -12.91
C ASN B 376 -5.18 46.18 -13.21
N LYS B 377 -4.39 45.76 -14.18
CA LYS B 377 -3.10 46.43 -14.59
C LYS B 377 -2.20 46.69 -13.37
N ALA B 378 -2.29 45.84 -12.36
CA ALA B 378 -1.32 45.87 -11.23
C ALA B 378 0.06 45.64 -11.83
N ASP B 379 1.09 46.27 -11.28
CA ASP B 379 2.48 46.09 -11.76
C ASP B 379 2.87 44.62 -11.60
N PRO B 380 3.42 43.97 -12.65
CA PRO B 380 3.80 42.54 -12.57
C PRO B 380 4.69 42.25 -11.37
N LYS B 381 5.76 43.01 -11.13
CA LYS B 381 6.63 42.73 -9.97
C LYS B 381 5.86 42.90 -8.64
N ALA B 382 5.16 44.03 -8.46
CA ALA B 382 4.39 44.34 -7.24
C ALA B 382 3.33 43.25 -6.99
N ALA B 383 2.62 42.81 -8.03
CA ALA B 383 1.63 41.74 -7.83
C ALA B 383 2.33 40.41 -7.41
N LEU B 384 3.51 40.11 -7.94
CA LEU B 384 4.22 38.85 -7.62
C LEU B 384 4.93 38.97 -6.29
N ASP B 385 5.36 40.17 -5.88
CA ASP B 385 5.98 40.36 -4.54
C ASP B 385 4.90 40.12 -3.45
N ARG B 386 3.67 40.56 -3.68
CA ARG B 386 2.55 40.28 -2.77
C ARG B 386 2.28 38.76 -2.68
N ALA B 387 2.14 38.10 -3.82
CA ALA B 387 2.05 36.63 -3.96
C ALA B 387 3.14 35.97 -3.10
N GLN B 388 4.39 36.46 -3.19
CA GLN B 388 5.54 35.81 -2.50
C GLN B 388 5.37 35.99 -1.00
N LYS B 389 4.96 37.18 -0.56
CA LYS B 389 4.74 37.46 0.88
C LYS B 389 3.61 36.59 1.41
N LEU B 390 2.47 36.54 0.72
CA LEU B 390 1.29 35.69 1.15
C LEU B 390 1.70 34.20 1.16
N ALA B 391 2.44 33.71 0.15
CA ALA B 391 2.95 32.31 0.15
C ALA B 391 3.92 32.07 1.34
N GLU B 392 4.83 33.01 1.63
CA GLU B 392 5.84 32.88 2.71
C GLU B 392 5.13 32.86 4.07
N ASP B 393 4.12 33.71 4.25
CA ASP B 393 3.19 33.69 5.41
C ASP B 393 2.50 32.32 5.53
N LEU B 394 1.98 31.75 4.44
CA LEU B 394 1.27 30.45 4.50
C LEU B 394 2.27 29.31 4.81
N LEU B 395 3.51 29.34 4.30
CA LEU B 395 4.49 28.22 4.46
C LEU B 395 5.33 28.40 5.75
N SER B 396 5.12 29.48 6.48
CA SER B 396 5.99 29.81 7.64
C SER B 396 5.28 29.53 8.98
N SER B 397 6.04 29.72 10.07
CA SER B 397 5.62 29.59 11.49
C SER B 397 4.54 30.62 11.82
CL CL C . 0.96 -7.46 11.16
S SO3 D . 9.05 -37.12 18.95
O1 SO3 D . 9.62 -36.28 20.07
O2 SO3 D . 8.45 -36.11 18.01
O3 SO3 D . 7.87 -37.84 19.59
C1 EDO E . 23.43 -18.60 32.65
O1 EDO E . 22.70 -18.63 33.85
C2 EDO E . 24.83 -19.02 32.81
O2 EDO E . 25.45 -19.38 31.58
C1 EDO F . 10.62 -1.37 21.96
O1 EDO F . 9.48 -0.84 21.30
C2 EDO F . 10.26 -1.93 23.27
O2 EDO F . 9.56 -3.15 23.10
C1 GOL G . -5.80 -36.18 21.50
O1 GOL G . -5.60 -36.45 20.12
C2 GOL G . -5.00 -34.97 21.92
O2 GOL G . -5.55 -34.37 23.10
C3 GOL G . -3.53 -35.30 22.10
O3 GOL G . -3.23 -35.73 23.42
C1 GOL H . -4.52 -10.65 36.41
O1 GOL H . -5.63 -9.95 35.89
C2 GOL H . -4.53 -10.67 37.93
O2 GOL H . -3.50 -9.81 38.39
C3 GOL H . -4.31 -12.06 38.52
O3 GOL H . -5.51 -12.83 38.62
C10 FGO I . 1.63 -15.06 15.71
C11 FGO I . 0.54 -15.35 13.73
C12 FGO I . 0.49 -15.89 11.39
C13 FGO I . 0.35 -17.08 10.57
C14 FGO I . 0.16 -17.65 12.68
C15 FGO I . 0.42 -16.85 9.13
C16 FGO I . 0.81 -14.57 9.49
C17 FGO I . -0.60 -15.45 14.74
C18 FGO I . 0.16 -15.30 16.03
C21 FGO I . -1.56 -14.31 14.62
O12 FGO I . 6.33 -15.69 16.59
P FGO I . 5.05 -16.00 17.28
O11 FGO I . 4.84 -17.35 18.05
O FGO I . 4.69 -14.85 18.36
C FGO I . 4.95 -13.47 18.14
C3 FGO I . 6.21 -13.00 18.81
C4 FGO I . 6.85 -11.87 18.01
O3 FGO I . 5.93 -10.76 18.00
O2 FGO I . 5.86 -12.55 20.14
C2 FGO I . 4.43 -12.63 20.29
N FGO I . 4.07 -11.44 21.07
C8 FGO I . 4.41 -10.15 20.74
C7 FGO I . 4.03 -9.09 21.59
C6 FGO I . 3.30 -9.39 22.76
O5 FGO I . 2.91 -8.53 23.63
N1 FGO I . 3.00 -10.65 23.04
C5 FGO I . 3.36 -11.65 22.24
O4 FGO I . 3.00 -12.79 22.57
C1 FGO I . 3.90 -12.64 18.84
O1 FGO I . 2.57 -13.16 18.63
O6 FGO I . 3.82 -15.98 16.25
C9 FGO I . 2.49 -15.84 16.69
C19 FGO I . -0.45 -14.20 16.82
C20 FGO I . -1.13 -13.40 15.75
O9 FGO I . -0.08 -12.54 15.44
O10 FGO I . -2.28 -12.70 16.24
O7 FGO I . 1.73 -15.65 14.43
N2 FGO I . 0.38 -16.33 12.66
N3 FGO I . 0.13 -18.14 11.43
N5 FGO I . 0.76 -14.68 10.87
N6 FGO I . 1.06 -13.34 8.98
N4 FGO I . 0.66 -15.62 8.66
O8 FGO I . 0.27 -17.79 8.34
C CO2 J . 2.78 1.16 4.63
O1 CO2 J . 3.58 2.00 4.68
O2 CO2 J . 1.84 0.50 4.41
C CO2 K . -18.25 23.32 -17.61
O1 CO2 K . -17.78 22.31 -17.31
O2 CO2 K . -18.50 24.44 -17.79
C CO2 L . -5.40 24.50 -18.33
O1 CO2 L . -4.48 24.35 -19.01
O2 CO2 L . -6.30 24.93 -17.71
S SO2 M . 12.35 11.51 -22.99
O1 SO2 M . 13.17 12.49 -23.71
O2 SO2 M . 11.32 10.95 -23.83
C1 EDO N . -13.11 11.52 -31.76
O1 EDO N . -12.13 12.54 -31.66
C2 EDO N . -13.02 10.49 -30.71
O2 EDO N . -13.68 9.27 -31.07
C1 GOL O . -12.35 32.11 -35.55
O1 GOL O . -11.43 33.21 -35.62
C2 GOL O . -13.54 32.40 -34.64
O2 GOL O . -14.70 31.68 -35.07
C3 GOL O . -13.28 32.04 -33.20
O3 GOL O . -13.90 32.96 -32.31
C1 GOL P . 13.60 26.12 -22.44
O1 GOL P . 13.05 26.87 -21.36
C2 GOL P . 12.48 25.58 -23.28
O2 GOL P . 11.94 26.60 -24.14
C3 GOL P . 12.89 24.34 -24.03
O3 GOL P . 12.12 24.15 -25.20
C10 FGO Q . -7.16 21.81 -14.68
C11 FGO Q . -6.43 22.45 -12.63
C12 FGO Q . -5.51 21.91 -10.47
C13 FGO Q . -4.20 21.70 -9.87
C14 FGO Q . -3.95 22.16 -11.99
C15 FGO Q . -4.20 21.36 -8.45
C16 FGO Q . -6.53 21.48 -8.42
C17 FGO Q . -6.28 23.73 -13.44
C18 FGO Q . -6.73 23.27 -14.80
C21 FGO Q . -7.22 24.82 -13.02
O12 FGO Q . -7.63 17.30 -16.33
P FGO Q . -7.19 18.62 -16.88
O11 FGO Q . -6.00 18.57 -17.93
O FGO Q . -8.46 19.29 -17.65
C FGO Q . -9.83 19.28 -17.18
C3 FGO Q . -10.61 18.25 -17.96
C4 FGO Q . -11.74 17.63 -17.16
O3 FGO Q . -12.69 18.66 -16.82
O2 FGO Q . -11.14 18.91 -19.11
C2 FGO Q . -10.87 20.34 -19.04
N FGO Q . -12.07 21.03 -19.54
C8 FGO Q . -13.33 20.85 -18.99
C7 FGO Q . -14.42 21.54 -19.52
C6 FGO Q . -14.20 22.38 -20.64
O5 FGO Q . -15.09 23.05 -21.24
N1 FGO Q . -12.98 22.52 -21.11
C5 FGO Q . -11.94 21.88 -20.63
O4 FGO Q . -10.85 22.10 -21.21
C1 FGO Q . -10.51 20.60 -17.56
O1 FGO Q . -9.67 21.73 -17.31
O6 FGO Q . -6.88 19.59 -15.64
C9 FGO Q . -6.71 20.97 -15.83
C19 FGO Q . -7.88 24.06 -15.19
C20 FGO Q . -8.44 24.64 -13.93
O9 FGO Q . -9.43 23.77 -13.34
O10 FGO Q . -9.13 25.80 -14.35
O7 FGO Q . -6.48 21.39 -13.55
N2 FGO Q . -5.28 22.19 -11.74
N3 FGO Q . -3.28 21.87 -10.83
N5 FGO Q . -6.64 21.82 -9.75
N6 FGO Q . -7.63 21.37 -7.67
N4 FGO Q . -5.36 21.29 -7.79
O8 FGO Q . -3.13 21.18 -7.91
#